data_4M6Q
#
_entry.id   4M6Q
#
_cell.length_a   60.355
_cell.length_b   107.016
_cell.length_c   82.844
_cell.angle_alpha   90.00
_cell.angle_beta   96.56
_cell.angle_gamma   90.00
#
_symmetry.space_group_name_H-M   'P 1 21 1'
#
loop_
_entity.id
_entity.type
_entity.pdbx_description
1 polymer 'Nicotinamide phosphoribosyltransferase'
2 non-polymer 1-(5-O-phosphono-beta-D-ribofuranosyl)-N-(4-{[3-(trifluoromethyl)phenyl]sulfonyl}benzyl)-1H-pyrazolo[3,4-b]pyridine-5-carboxamide
3 non-polymer 'PYROPHOSPHATE 2-'
4 non-polymer 'PHOSPHATE ION'
5 water water
#
_entity_poly.entity_id   1
_entity_poly.type   'polypeptide(L)'
_entity_poly.pdbx_seq_one_letter_code
;MNPAAEAEFNILLATDSYKVTHYKQYPPNTSKVYSYFECREKKTENSKLRKVKYEETVFYGLQYILNKYLKGKVVTKEKI
QEAKDVYKEHFQDDVFNEKGWNYILEKYDGHLPIEIKAVPEGFVIPRGNVLFTVENTDPECYWLTNWIETILVQSWYPIT
VATNSREQKKILAKYLLETSGNLDGLEYKLHDFGYRGVSSQETAGIGASAHLVNFKGTDTVAGLALIKKYYGTKDPVPGY
SVPAAEHSTITAWGKDHEKDAFEHIVTQFSSVPVSVVSDSYDIYNACEKIWGEDLRHLIVSRSTQAPLIIRPDSGNPLDT
VLKVLEILGKKFPVTENSKGYKLLPPYLRVIQGDGVDINTLQEIVEGMKQKMWSIENIAFGSGGGLLQKLTRDLLNCSFK
CSYVVTNGLGINVFKDPVADPNKRSKKGRLSLHRTPAGNFVTLEEGKGDLEEYGQDLLHTVFKNGKVTKSYSFDEIRKNA
QLNIELEAAHHLEHHHHHHHH
;
_entity_poly.pdbx_strand_id   A,B
#
loop_
_chem_comp.id
_chem_comp.type
_chem_comp.name
_chem_comp.formula
20T non-polymer 1-(5-O-phosphono-beta-D-ribofuranosyl)-N-(4-{[3-(trifluoromethyl)phenyl]sulfonyl}benzyl)-1H-pyrazolo[3,4-b]pyridine-5-carboxamide 'C26 H24 F3 N4 O10 P S'
PO4 non-polymer 'PHOSPHATE ION' 'O4 P -3'
POP non-polymer 'PYROPHOSPHATE 2-' 'H2 O7 P2 -2'
#
# COMPACT_ATOMS: atom_id res chain seq x y z
N GLU A 8 13.16 4.79 -16.17
CA GLU A 8 11.96 4.82 -16.98
C GLU A 8 11.16 3.52 -16.85
N PHE A 9 9.85 3.60 -17.07
CA PHE A 9 8.95 2.47 -16.92
C PHE A 9 8.95 1.56 -18.14
N ASN A 10 8.90 0.26 -17.92
CA ASN A 10 8.90 -0.71 -19.01
C ASN A 10 7.75 -1.70 -18.91
N ILE A 11 6.74 -1.51 -19.78
CA ILE A 11 5.54 -2.37 -19.77
C ILE A 11 5.87 -3.87 -19.91
N LEU A 12 7.01 -4.19 -20.50
CA LEU A 12 7.43 -5.58 -20.65
C LEU A 12 7.91 -6.18 -19.34
N LEU A 13 8.15 -5.32 -18.34
CA LEU A 13 8.58 -5.77 -17.02
C LEU A 13 7.55 -5.40 -15.94
N ALA A 14 6.32 -5.09 -16.36
CA ALA A 14 5.26 -4.69 -15.44
C ALA A 14 4.14 -5.73 -15.34
N THR A 15 4.52 -7.00 -15.23
CA THR A 15 3.54 -8.07 -15.14
C THR A 15 4.03 -9.13 -14.17
N ASP A 16 3.14 -10.00 -13.71
CA ASP A 16 3.55 -11.14 -12.90
C ASP A 16 4.42 -12.05 -13.76
N SER A 17 5.54 -12.51 -13.23
CA SER A 17 6.50 -13.33 -13.98
C SER A 17 5.89 -14.45 -14.81
N TYR A 18 5.03 -15.26 -14.20
CA TYR A 18 4.48 -16.41 -14.91
C TYR A 18 3.70 -16.04 -16.18
N LYS A 19 3.19 -14.82 -16.22
CA LYS A 19 2.48 -14.34 -17.41
C LYS A 19 3.38 -14.27 -18.65
N VAL A 20 4.68 -14.17 -18.42
CA VAL A 20 5.67 -14.21 -19.49
C VAL A 20 5.58 -15.53 -20.27
N THR A 21 5.10 -16.58 -19.62
CA THR A 21 5.08 -17.91 -20.21
C THR A 21 3.70 -18.33 -20.74
N HIS A 22 2.74 -17.43 -20.67
CA HIS A 22 1.34 -17.76 -20.94
C HIS A 22 0.97 -17.89 -22.42
N TYR A 23 1.73 -17.22 -23.29
CA TYR A 23 1.47 -17.26 -24.72
C TYR A 23 1.62 -18.68 -25.31
N LYS A 24 2.39 -19.52 -24.62
CA LYS A 24 2.58 -20.90 -25.05
C LYS A 24 1.50 -21.85 -24.50
N GLN A 25 0.62 -21.33 -23.65
CA GLN A 25 -0.30 -22.20 -22.92
C GLN A 25 -1.76 -22.08 -23.36
N TYR A 26 -2.08 -21.04 -24.10
CA TYR A 26 -3.42 -20.90 -24.65
C TYR A 26 -3.64 -21.94 -25.74
N PRO A 27 -4.89 -22.29 -26.02
CA PRO A 27 -5.15 -23.24 -27.10
C PRO A 27 -4.58 -22.72 -28.41
N PRO A 28 -3.93 -23.58 -29.21
CA PRO A 28 -3.54 -23.21 -30.57
C PRO A 28 -4.74 -22.68 -31.35
N ASN A 29 -4.50 -21.78 -32.30
CA ASN A 29 -5.56 -21.12 -33.08
C ASN A 29 -6.43 -20.17 -32.26
N THR A 30 -5.90 -19.67 -31.14
CA THR A 30 -6.62 -18.67 -30.37
C THR A 30 -6.33 -17.28 -30.93
N SER A 31 -7.37 -16.58 -31.35
CA SER A 31 -7.23 -15.28 -32.00
C SER A 31 -7.75 -14.13 -31.13
N LYS A 32 -8.47 -14.47 -30.06
CA LYS A 32 -9.04 -13.45 -29.18
C LYS A 32 -9.17 -13.96 -27.76
N VAL A 33 -8.72 -13.11 -26.82
CA VAL A 33 -8.92 -13.34 -25.40
C VAL A 33 -9.64 -12.12 -24.84
N TYR A 34 -10.77 -12.38 -24.17
CA TYR A 34 -11.64 -11.32 -23.69
C TYR A 34 -11.79 -11.47 -22.18
N SER A 35 -11.46 -10.42 -21.45
CA SER A 35 -11.45 -10.48 -20.00
C SER A 35 -12.20 -9.30 -19.40
N TYR A 36 -12.70 -9.51 -18.18
CA TYR A 36 -13.43 -8.47 -17.48
C TYR A 36 -12.93 -8.30 -16.07
N PHE A 37 -13.28 -7.16 -15.47
CA PHE A 37 -12.93 -6.87 -14.09
C PHE A 37 -14.22 -6.61 -13.33
N GLU A 38 -14.29 -7.11 -12.11
CA GLU A 38 -15.45 -6.89 -11.26
C GLU A 38 -15.07 -6.88 -9.78
N CYS A 39 -15.91 -6.24 -8.97
CA CYS A 39 -15.81 -6.37 -7.52
C CYS A 39 -16.75 -7.48 -7.08
N ARG A 40 -16.27 -8.71 -7.16
CA ARG A 40 -17.07 -9.91 -6.98
C ARG A 40 -17.96 -9.89 -5.73
N GLU A 41 -19.19 -10.34 -5.89
CA GLU A 41 -20.14 -10.40 -4.80
C GLU A 41 -19.79 -11.53 -3.83
N LYS A 42 -19.93 -11.28 -2.54
CA LYS A 42 -19.61 -12.28 -1.53
C LYS A 42 -20.87 -12.77 -0.82
N LYS A 43 -20.94 -14.08 -0.57
CA LYS A 43 -22.10 -14.68 0.08
C LYS A 43 -22.21 -14.24 1.55
N LYS A 53 -20.22 -3.33 5.08
CA LYS A 53 -20.74 -4.31 4.12
C LYS A 53 -20.25 -4.04 2.69
N TYR A 54 -20.21 -2.76 2.31
CA TYR A 54 -19.72 -2.36 1.00
C TYR A 54 -20.51 -2.97 -0.16
N GLU A 55 -21.78 -2.60 -0.28
CA GLU A 55 -22.64 -3.21 -1.28
C GLU A 55 -22.50 -2.56 -2.64
N GLU A 56 -21.94 -1.36 -2.67
CA GLU A 56 -21.72 -0.62 -3.91
C GLU A 56 -20.34 -0.03 -3.93
N THR A 57 -19.74 0.04 -5.11
CA THR A 57 -18.35 0.45 -5.23
C THR A 57 -18.23 1.67 -6.13
N VAL A 58 -17.30 2.56 -5.81
CA VAL A 58 -17.03 3.70 -6.68
C VAL A 58 -15.98 3.30 -7.71
N PHE A 59 -16.26 3.57 -8.98
CA PHE A 59 -15.28 3.26 -10.01
C PHE A 59 -14.41 4.47 -10.28
N TYR A 60 -13.19 4.43 -9.76
CA TYR A 60 -12.25 5.50 -9.95
C TYR A 60 -10.83 4.94 -10.02
N GLY A 61 -10.01 5.52 -10.90
CA GLY A 61 -8.60 5.17 -10.95
C GLY A 61 -8.06 4.65 -12.27
N LEU A 62 -8.91 4.10 -13.11
CA LEU A 62 -8.48 3.53 -14.38
C LEU A 62 -7.79 4.56 -15.30
N GLN A 63 -8.39 5.73 -15.44
CA GLN A 63 -7.89 6.78 -16.33
C GLN A 63 -6.44 7.17 -16.05
N TYR A 64 -6.06 7.12 -14.78
CA TYR A 64 -4.68 7.34 -14.38
C TYR A 64 -3.77 6.25 -14.95
N ILE A 65 -4.15 5.00 -14.74
CA ILE A 65 -3.35 3.88 -15.23
C ILE A 65 -3.19 3.96 -16.74
N LEU A 66 -4.30 4.18 -17.44
CA LEU A 66 -4.29 4.28 -18.90
C LEU A 66 -3.33 5.34 -19.43
N ASN A 67 -3.38 6.54 -18.86
CA ASN A 67 -2.55 7.64 -19.32
C ASN A 67 -1.08 7.52 -18.96
N LYS A 68 -0.82 6.87 -17.83
CA LYS A 68 0.54 6.82 -17.30
C LYS A 68 1.32 5.59 -17.77
N TYR A 69 0.63 4.50 -18.05
CA TYR A 69 1.29 3.21 -18.30
C TYR A 69 0.96 2.53 -19.62
N LEU A 70 -0.23 2.79 -20.16
CA LEU A 70 -0.70 2.02 -21.32
C LEU A 70 -0.72 2.75 -22.67
N LYS A 71 -0.81 4.07 -22.66
CA LYS A 71 -0.98 4.81 -23.90
C LYS A 71 0.34 5.12 -24.59
N GLY A 72 0.27 5.45 -25.87
CA GLY A 72 1.44 5.86 -26.62
C GLY A 72 2.34 4.71 -27.02
N LYS A 73 3.57 5.05 -27.39
CA LYS A 73 4.57 4.05 -27.73
C LYS A 73 5.17 3.45 -26.46
N VAL A 74 4.66 2.31 -26.05
CA VAL A 74 5.11 1.68 -24.82
C VAL A 74 6.11 0.56 -25.09
N VAL A 75 6.33 0.24 -26.36
CA VAL A 75 7.31 -0.78 -26.75
C VAL A 75 8.42 -0.13 -27.59
N THR A 76 9.66 -0.44 -27.26
CA THR A 76 10.80 -0.01 -28.08
C THR A 76 11.79 -1.17 -28.27
N LYS A 77 12.77 -0.98 -29.14
CA LYS A 77 13.80 -1.99 -29.35
C LYS A 77 14.58 -2.20 -28.05
N GLU A 78 14.82 -1.11 -27.31
CA GLU A 78 15.62 -1.17 -26.11
C GLU A 78 14.88 -1.84 -24.97
N LYS A 79 13.57 -1.63 -24.92
CA LYS A 79 12.76 -2.22 -23.86
C LYS A 79 12.56 -3.71 -24.08
N ILE A 80 12.48 -4.13 -25.33
CA ILE A 80 12.37 -5.55 -25.66
C ILE A 80 13.67 -6.27 -25.31
N GLN A 81 14.79 -5.68 -25.69
CA GLN A 81 16.10 -6.25 -25.38
C GLN A 81 16.34 -6.30 -23.86
N GLU A 82 16.03 -5.20 -23.17
CA GLU A 82 16.14 -5.13 -21.71
C GLU A 82 15.37 -6.26 -21.03
N ALA A 83 14.14 -6.50 -21.48
CA ALA A 83 13.31 -7.55 -20.90
C ALA A 83 13.86 -8.94 -21.22
N LYS A 84 14.35 -9.11 -22.44
CA LYS A 84 14.91 -10.38 -22.87
C LYS A 84 16.06 -10.76 -21.92
N ASP A 85 16.94 -9.79 -21.69
CA ASP A 85 18.08 -9.98 -20.80
C ASP A 85 17.66 -10.34 -19.38
N VAL A 86 16.67 -9.61 -18.84
CA VAL A 86 16.16 -9.85 -17.49
C VAL A 86 15.55 -11.25 -17.35
N TYR A 87 14.65 -11.58 -18.26
CA TYR A 87 13.93 -12.85 -18.18
C TYR A 87 14.83 -14.07 -18.38
N LYS A 88 15.85 -13.95 -19.24
CA LYS A 88 16.82 -15.02 -19.41
C LYS A 88 17.45 -15.40 -18.07
N GLU A 89 17.80 -14.39 -17.28
CA GLU A 89 18.38 -14.63 -15.96
C GLU A 89 17.32 -15.00 -14.94
N HIS A 90 16.17 -14.33 -15.01
CA HIS A 90 15.07 -14.55 -14.06
C HIS A 90 14.51 -15.96 -14.14
N PHE A 91 14.37 -16.47 -15.36
CA PHE A 91 13.83 -17.81 -15.60
C PHE A 91 14.91 -18.88 -15.77
N GLN A 92 16.15 -18.45 -15.96
CA GLN A 92 17.25 -19.34 -16.37
C GLN A 92 16.91 -20.07 -17.67
N ASP A 93 16.24 -19.37 -18.56
CA ASP A 93 15.73 -19.96 -19.80
C ASP A 93 15.13 -18.85 -20.66
N ASP A 94 15.07 -19.09 -21.97
CA ASP A 94 14.45 -18.12 -22.87
C ASP A 94 13.00 -18.46 -23.15
N VAL A 95 12.12 -18.00 -22.27
CA VAL A 95 10.68 -18.20 -22.46
C VAL A 95 10.04 -16.92 -22.96
N PHE A 96 10.77 -15.81 -22.87
CA PHE A 96 10.26 -14.52 -23.26
C PHE A 96 9.82 -14.45 -24.73
N ASN A 97 8.61 -13.94 -24.96
CA ASN A 97 8.03 -13.83 -26.30
C ASN A 97 8.53 -12.59 -27.02
N GLU A 98 9.76 -12.64 -27.50
CA GLU A 98 10.36 -11.54 -28.23
C GLU A 98 9.61 -11.27 -29.52
N LYS A 99 9.22 -12.35 -30.20
CA LYS A 99 8.46 -12.26 -31.45
C LYS A 99 7.19 -11.45 -31.29
N GLY A 100 6.41 -11.78 -30.28
CA GLY A 100 5.13 -11.14 -30.05
C GLY A 100 5.28 -9.66 -29.79
N TRP A 101 6.25 -9.29 -28.97
CA TRP A 101 6.48 -7.89 -28.64
C TRP A 101 7.08 -7.12 -29.82
N ASN A 102 7.88 -7.81 -30.62
CA ASN A 102 8.47 -7.20 -31.81
C ASN A 102 7.42 -6.93 -32.88
N TYR A 103 6.41 -7.78 -32.93
CA TYR A 103 5.31 -7.62 -33.86
C TYR A 103 4.56 -6.32 -33.56
N ILE A 104 4.32 -6.06 -32.28
CA ILE A 104 3.64 -4.85 -31.86
C ILE A 104 4.47 -3.62 -32.18
N LEU A 105 5.78 -3.73 -31.99
CA LEU A 105 6.67 -2.62 -32.27
C LEU A 105 6.65 -2.22 -33.74
N GLU A 106 6.62 -3.22 -34.63
CA GLU A 106 6.76 -2.97 -36.06
C GLU A 106 5.43 -2.68 -36.76
N LYS A 107 4.36 -3.28 -36.28
CA LYS A 107 3.07 -3.16 -36.93
C LYS A 107 2.30 -1.93 -36.46
N TYR A 108 2.51 -1.55 -35.21
CA TYR A 108 1.72 -0.48 -34.60
C TYR A 108 2.56 0.61 -33.94
N ASP A 109 3.86 0.65 -34.26
CA ASP A 109 4.78 1.63 -33.68
C ASP A 109 4.74 1.63 -32.14
N GLY A 110 4.68 0.44 -31.57
CA GLY A 110 4.75 0.29 -30.13
C GLY A 110 3.44 0.51 -29.37
N HIS A 111 2.35 0.71 -30.10
CA HIS A 111 1.05 0.89 -29.45
C HIS A 111 0.34 -0.43 -29.22
N LEU A 112 -0.29 -0.58 -28.06
CA LEU A 112 -0.95 -1.82 -27.69
C LEU A 112 -2.25 -2.02 -28.46
N PRO A 113 -2.33 -3.11 -29.25
CA PRO A 113 -3.59 -3.43 -29.95
C PRO A 113 -4.61 -4.01 -28.97
N ILE A 114 -5.12 -3.13 -28.12
CA ILE A 114 -5.99 -3.47 -27.02
C ILE A 114 -7.21 -2.53 -27.03
N GLU A 115 -8.38 -3.08 -26.72
CA GLU A 115 -9.55 -2.25 -26.48
C GLU A 115 -10.03 -2.46 -25.05
N ILE A 116 -10.28 -1.36 -24.35
CA ILE A 116 -10.79 -1.42 -22.99
C ILE A 116 -12.09 -0.63 -22.94
N LYS A 117 -13.13 -1.24 -22.40
CA LYS A 117 -14.40 -0.56 -22.23
C LYS A 117 -14.70 -0.50 -20.74
N ALA A 118 -15.06 0.69 -20.26
CA ALA A 118 -15.27 0.90 -18.82
C ALA A 118 -16.49 1.74 -18.52
N VAL A 119 -17.15 1.45 -17.40
CA VAL A 119 -18.21 2.29 -16.86
C VAL A 119 -17.59 3.65 -16.55
N PRO A 120 -18.36 4.75 -16.74
CA PRO A 120 -17.82 6.08 -16.48
C PRO A 120 -17.26 6.21 -15.06
N GLU A 121 -16.16 6.93 -14.91
CA GLU A 121 -15.53 7.07 -13.60
C GLU A 121 -16.41 7.89 -12.65
N GLY A 122 -16.45 7.47 -11.40
CA GLY A 122 -17.28 8.12 -10.40
C GLY A 122 -18.56 7.34 -10.19
N PHE A 123 -18.91 6.51 -11.18
CA PHE A 123 -20.13 5.72 -11.12
C PHE A 123 -20.17 4.81 -9.90
N VAL A 124 -21.34 4.70 -9.30
CA VAL A 124 -21.52 3.84 -8.13
C VAL A 124 -22.30 2.60 -8.55
N ILE A 125 -21.60 1.47 -8.56
CA ILE A 125 -22.14 0.21 -9.09
C ILE A 125 -22.18 -0.86 -8.02
N PRO A 126 -23.31 -1.57 -7.89
CA PRO A 126 -23.42 -2.66 -6.93
C PRO A 126 -22.41 -3.76 -7.22
N ARG A 127 -22.07 -4.52 -6.20
CA ARG A 127 -21.13 -5.63 -6.31
C ARG A 127 -21.61 -6.67 -7.30
N GLY A 128 -20.67 -7.37 -7.93
CA GLY A 128 -20.99 -8.46 -8.84
C GLY A 128 -21.24 -8.01 -10.25
N ASN A 129 -20.75 -6.82 -10.59
CA ASN A 129 -20.96 -6.27 -11.92
C ASN A 129 -19.67 -6.00 -12.66
N VAL A 130 -19.72 -6.18 -13.98
CA VAL A 130 -18.60 -5.82 -14.83
C VAL A 130 -18.34 -4.32 -14.72
N LEU A 131 -17.09 -3.95 -14.45
CA LEU A 131 -16.72 -2.55 -14.35
C LEU A 131 -15.94 -2.12 -15.58
N PHE A 132 -15.08 -3.01 -16.05
CA PHE A 132 -14.43 -2.84 -17.35
C PHE A 132 -14.09 -4.17 -18.02
N THR A 133 -13.86 -4.12 -19.33
CA THR A 133 -13.48 -5.29 -20.10
C THR A 133 -12.25 -4.97 -20.95
N VAL A 134 -11.47 -5.99 -21.26
CA VAL A 134 -10.26 -5.84 -22.05
C VAL A 134 -10.23 -6.94 -23.11
N GLU A 135 -9.79 -6.60 -24.30
CA GLU A 135 -9.64 -7.58 -25.38
C GLU A 135 -8.58 -7.11 -26.39
N ASN A 136 -7.92 -8.06 -27.04
CA ASN A 136 -7.00 -7.72 -28.11
C ASN A 136 -7.76 -7.40 -29.39
N THR A 137 -7.16 -6.59 -30.26
CA THR A 137 -7.81 -6.18 -31.49
C THR A 137 -7.08 -6.72 -32.70
N ASP A 138 -5.95 -7.35 -32.46
CA ASP A 138 -5.18 -8.03 -33.49
C ASP A 138 -5.01 -9.48 -33.05
N PRO A 139 -5.39 -10.42 -33.91
CA PRO A 139 -5.37 -11.86 -33.59
C PRO A 139 -3.98 -12.40 -33.22
N GLU A 140 -2.92 -11.73 -33.63
CA GLU A 140 -1.59 -12.13 -33.21
C GLU A 140 -1.37 -11.86 -31.73
N CYS A 141 -2.13 -10.92 -31.17
CA CYS A 141 -1.90 -10.46 -29.82
C CYS A 141 -2.91 -11.00 -28.81
N TYR A 142 -3.39 -12.22 -29.05
CA TYR A 142 -4.28 -12.91 -28.12
C TYR A 142 -3.72 -12.90 -26.69
N TRP A 143 -2.41 -13.00 -26.58
CA TRP A 143 -1.71 -13.10 -25.29
C TRP A 143 -1.64 -11.77 -24.54
N LEU A 144 -1.84 -10.67 -25.25
CA LEU A 144 -1.61 -9.34 -24.69
C LEU A 144 -2.66 -8.95 -23.65
N THR A 145 -3.86 -9.51 -23.78
CA THR A 145 -4.98 -9.15 -22.92
C THR A 145 -4.66 -9.38 -21.44
N ASN A 146 -4.32 -10.60 -21.09
CA ASN A 146 -3.99 -10.92 -19.71
C ASN A 146 -2.53 -10.62 -19.32
N TRP A 147 -1.74 -10.11 -20.27
CA TRP A 147 -0.41 -9.61 -19.94
C TRP A 147 -0.55 -8.44 -18.97
N ILE A 148 -1.45 -7.51 -19.33
CA ILE A 148 -1.64 -6.28 -18.58
C ILE A 148 -2.67 -6.44 -17.46
N GLU A 149 -3.05 -7.67 -17.16
CA GLU A 149 -3.96 -7.91 -16.04
C GLU A 149 -3.39 -7.29 -14.77
N THR A 150 -2.14 -7.61 -14.46
CA THR A 150 -1.51 -7.17 -13.23
C THR A 150 -1.55 -5.65 -13.07
N ILE A 151 -1.28 -4.95 -14.16
CA ILE A 151 -1.20 -3.50 -14.11
C ILE A 151 -2.59 -2.90 -13.98
N LEU A 152 -3.59 -3.60 -14.53
CA LEU A 152 -4.96 -3.12 -14.50
C LEU A 152 -5.65 -3.47 -13.19
N VAL A 153 -5.32 -4.62 -12.61
CA VAL A 153 -5.93 -5.04 -11.35
C VAL A 153 -5.56 -4.09 -10.20
N GLN A 154 -4.45 -3.36 -10.35
CA GLN A 154 -4.04 -2.40 -9.32
C GLN A 154 -5.05 -1.26 -9.15
N SER A 155 -6.01 -1.19 -10.07
CA SER A 155 -7.08 -0.21 -9.98
C SER A 155 -7.97 -0.53 -8.78
N TRP A 156 -7.81 -1.74 -8.23
CA TRP A 156 -8.53 -2.11 -7.00
C TRP A 156 -8.29 -1.08 -5.89
N TYR A 157 -7.11 -0.46 -5.91
CA TYR A 157 -6.74 0.43 -4.82
C TYR A 157 -7.54 1.75 -4.81
N PRO A 158 -7.42 2.58 -5.87
CA PRO A 158 -8.22 3.81 -5.82
C PRO A 158 -9.72 3.53 -5.78
N ILE A 159 -10.17 2.40 -6.32
CA ILE A 159 -11.56 2.00 -6.20
C ILE A 159 -11.92 1.77 -4.74
N THR A 160 -11.07 1.01 -4.06
CA THR A 160 -11.34 0.65 -2.66
C THR A 160 -11.22 1.87 -1.75
N VAL A 161 -10.32 2.79 -2.05
CA VAL A 161 -10.15 3.97 -1.22
C VAL A 161 -11.33 4.91 -1.40
N ALA A 162 -11.76 5.07 -2.65
CA ALA A 162 -12.92 5.90 -2.96
C ALA A 162 -14.19 5.33 -2.35
N THR A 163 -14.32 4.01 -2.37
CA THR A 163 -15.50 3.34 -1.83
C THR A 163 -15.56 3.43 -0.31
N ASN A 164 -14.44 3.11 0.33
CA ASN A 164 -14.35 3.12 1.79
C ASN A 164 -14.50 4.53 2.36
N SER A 165 -13.88 5.50 1.71
CA SER A 165 -14.00 6.90 2.06
C SER A 165 -15.45 7.38 1.96
N ARG A 166 -16.14 6.93 0.92
CA ARG A 166 -17.53 7.31 0.68
C ARG A 166 -18.50 6.66 1.67
N GLU A 167 -18.21 5.42 2.06
CA GLU A 167 -19.04 4.74 3.05
C GLU A 167 -18.94 5.47 4.36
N GLN A 168 -17.76 6.04 4.63
CA GLN A 168 -17.54 6.82 5.85
C GLN A 168 -18.26 8.17 5.78
N LYS A 169 -18.46 8.67 4.56
CA LYS A 169 -19.19 9.90 4.36
C LYS A 169 -20.67 9.66 4.65
N LYS A 170 -21.15 8.46 4.32
CA LYS A 170 -22.52 8.07 4.59
C LYS A 170 -22.80 8.05 6.08
N ILE A 171 -21.86 7.50 6.85
CA ILE A 171 -21.95 7.48 8.30
C ILE A 171 -21.99 8.90 8.87
N LEU A 172 -21.07 9.73 8.40
CA LEU A 172 -20.98 11.12 8.81
C LEU A 172 -22.26 11.89 8.44
N ALA A 173 -22.74 11.68 7.22
CA ALA A 173 -23.98 12.29 6.77
C ALA A 173 -25.13 11.93 7.69
N LYS A 174 -25.30 10.64 7.95
CA LYS A 174 -26.39 10.16 8.79
C LYS A 174 -26.39 10.80 10.18
N TYR A 175 -25.23 10.90 10.80
CA TYR A 175 -25.15 11.43 12.17
C TYR A 175 -25.16 12.96 12.23
N LEU A 176 -24.55 13.60 11.25
CA LEU A 176 -24.56 15.06 11.16
C LEU A 176 -26.00 15.54 10.94
N LEU A 177 -26.71 14.86 10.05
CA LEU A 177 -28.08 15.21 9.75
C LEU A 177 -28.99 14.99 10.96
N GLU A 178 -28.79 13.89 11.67
CA GLU A 178 -29.64 13.61 12.80
C GLU A 178 -29.40 14.59 13.94
N THR A 179 -28.15 15.00 14.13
CA THR A 179 -27.82 15.83 15.29
C THR A 179 -27.79 17.33 15.01
N SER A 180 -27.92 17.73 13.75
CA SER A 180 -27.85 19.15 13.41
C SER A 180 -28.93 19.61 12.42
N GLY A 181 -29.59 18.67 11.77
CA GLY A 181 -30.65 19.00 10.83
C GLY A 181 -30.18 19.38 9.43
N ASN A 182 -28.88 19.31 9.20
CA ASN A 182 -28.33 19.61 7.88
C ASN A 182 -26.98 18.92 7.62
N LEU A 183 -26.34 19.25 6.51
CA LEU A 183 -25.10 18.58 6.13
C LEU A 183 -23.99 19.59 5.88
N ASP A 184 -24.08 20.73 6.54
CA ASP A 184 -23.07 21.79 6.40
C ASP A 184 -21.70 21.31 6.86
N GLY A 185 -20.70 21.47 6.00
CA GLY A 185 -19.34 21.09 6.33
C GLY A 185 -19.09 19.60 6.28
N LEU A 186 -19.98 18.86 5.61
CA LEU A 186 -19.83 17.41 5.51
C LEU A 186 -18.57 17.02 4.74
N GLU A 187 -18.31 17.73 3.63
CA GLU A 187 -17.18 17.42 2.78
C GLU A 187 -15.82 17.78 3.40
N TYR A 188 -15.84 18.28 4.64
CA TYR A 188 -14.62 18.60 5.38
C TYR A 188 -14.56 17.87 6.73
N LYS A 189 -15.38 16.83 6.90
CA LYS A 189 -15.42 16.07 8.15
C LYS A 189 -14.39 14.93 8.23
N LEU A 190 -13.87 14.49 7.08
CA LEU A 190 -12.87 13.43 7.07
C LEU A 190 -11.63 13.83 6.28
N HIS A 191 -10.58 14.17 7.01
CA HIS A 191 -9.37 14.71 6.41
C HIS A 191 -8.32 13.60 6.16
N ASP A 192 -7.50 13.78 5.12
CA ASP A 192 -6.47 12.82 4.74
C ASP A 192 -5.17 13.05 5.49
N PHE A 193 -4.83 12.15 6.41
CA PHE A 193 -3.61 12.24 7.22
C PHE A 193 -2.55 11.19 6.86
N GLY A 194 -2.83 10.37 5.86
CA GLY A 194 -2.06 9.15 5.66
C GLY A 194 -0.89 9.16 4.70
N TYR A 195 -0.32 10.33 4.46
CA TYR A 195 0.81 10.44 3.55
C TYR A 195 1.97 9.58 4.08
N ARG A 196 2.28 9.72 5.36
CA ARG A 196 3.40 9.00 5.96
C ARG A 196 3.06 7.53 6.21
N GLY A 197 1.77 7.20 6.19
CA GLY A 197 1.31 5.87 6.55
C GLY A 197 1.10 4.94 5.37
N VAL A 198 1.30 5.43 4.15
CA VAL A 198 1.19 4.58 2.97
C VAL A 198 2.55 3.98 2.62
N SER A 199 2.57 3.12 1.61
CA SER A 199 3.75 2.33 1.30
C SER A 199 4.72 3.06 0.37
N SER A 200 4.22 4.01 -0.42
CA SER A 200 5.08 4.75 -1.33
C SER A 200 4.54 6.11 -1.71
N GLN A 201 5.34 6.85 -2.47
CA GLN A 201 4.96 8.18 -2.96
C GLN A 201 3.84 8.09 -3.99
N GLU A 202 3.91 7.06 -4.83
CA GLU A 202 2.93 6.88 -5.88
C GLU A 202 1.59 6.51 -5.27
N THR A 203 1.61 5.56 -4.34
CA THR A 203 0.41 5.16 -3.61
C THR A 203 -0.23 6.35 -2.89
N ALA A 204 0.61 7.22 -2.33
CA ALA A 204 0.14 8.39 -1.62
C ALA A 204 -0.71 9.28 -2.51
N GLY A 205 -0.18 9.60 -3.69
CA GLY A 205 -0.90 10.43 -4.64
C GLY A 205 -2.20 9.79 -5.12
N ILE A 206 -2.13 8.50 -5.47
CA ILE A 206 -3.30 7.77 -5.95
C ILE A 206 -4.38 7.68 -4.87
N GLY A 207 -3.97 7.34 -3.65
CA GLY A 207 -4.90 7.20 -2.56
C GLY A 207 -5.52 8.54 -2.17
N ALA A 208 -4.72 9.59 -2.22
CA ALA A 208 -5.22 10.93 -1.86
C ALA A 208 -6.25 11.39 -2.87
N SER A 209 -6.04 11.04 -4.13
CA SER A 209 -6.97 11.45 -5.18
C SER A 209 -8.30 10.73 -5.04
N ALA A 210 -8.24 9.48 -4.56
CA ALA A 210 -9.45 8.69 -4.38
C ALA A 210 -10.31 9.21 -3.22
N HIS A 211 -9.64 9.66 -2.17
CA HIS A 211 -10.35 10.24 -1.04
C HIS A 211 -11.02 11.55 -1.41
N LEU A 212 -10.40 12.29 -2.32
CA LEU A 212 -10.88 13.61 -2.71
C LEU A 212 -12.08 13.54 -3.64
N VAL A 213 -12.43 12.33 -4.08
CA VAL A 213 -13.67 12.12 -4.81
C VAL A 213 -14.84 12.42 -3.89
N ASN A 214 -14.65 12.17 -2.59
CA ASN A 214 -15.72 12.27 -1.62
C ASN A 214 -15.58 13.50 -0.70
N PHE A 215 -14.35 13.86 -0.35
CA PHE A 215 -14.10 14.96 0.56
C PHE A 215 -13.17 16.01 -0.03
N LYS A 216 -12.99 17.13 0.66
CA LYS A 216 -12.11 18.19 0.17
C LYS A 216 -10.89 18.46 1.05
N GLY A 217 -10.85 17.83 2.22
CA GLY A 217 -9.74 18.03 3.14
C GLY A 217 -8.63 17.00 3.00
N THR A 218 -7.44 17.45 2.62
CA THR A 218 -6.28 16.57 2.55
C THR A 218 -4.99 17.23 3.01
N ASP A 219 -4.07 16.42 3.53
CA ASP A 219 -2.71 16.85 3.81
C ASP A 219 -1.73 16.07 2.93
N THR A 220 -2.24 15.06 2.23
CA THR A 220 -1.42 14.31 1.28
C THR A 220 -1.32 15.09 -0.02
N VAL A 221 -0.41 16.07 -0.03
CA VAL A 221 -0.20 16.97 -1.16
C VAL A 221 -0.06 16.27 -2.52
N ALA A 222 0.55 15.09 -2.51
CA ALA A 222 0.80 14.33 -3.74
C ALA A 222 -0.45 14.17 -4.60
N GLY A 223 -1.59 13.93 -3.96
CA GLY A 223 -2.84 13.75 -4.65
C GLY A 223 -3.27 14.93 -5.51
N LEU A 224 -2.84 16.14 -5.15
CA LEU A 224 -3.19 17.33 -5.90
C LEU A 224 -2.60 17.30 -7.31
N ALA A 225 -1.32 16.95 -7.41
CA ALA A 225 -0.63 16.93 -8.70
C ALA A 225 -1.18 15.84 -9.61
N LEU A 226 -1.52 14.70 -9.02
CA LEU A 226 -2.10 13.59 -9.78
C LEU A 226 -3.42 14.01 -10.42
N ILE A 227 -4.26 14.68 -9.64
CA ILE A 227 -5.58 15.08 -10.12
C ILE A 227 -5.45 16.10 -11.23
N LYS A 228 -4.56 17.07 -11.04
CA LYS A 228 -4.32 18.10 -12.03
C LYS A 228 -3.80 17.51 -13.34
N LYS A 229 -2.93 16.50 -13.23
CA LYS A 229 -2.30 15.92 -14.40
C LYS A 229 -3.21 14.96 -15.17
N TYR A 230 -3.97 14.14 -14.46
CA TYR A 230 -4.75 13.10 -15.10
C TYR A 230 -6.26 13.35 -15.17
N TYR A 231 -6.75 14.30 -14.39
CA TYR A 231 -8.19 14.51 -14.32
C TYR A 231 -8.63 15.94 -14.54
N GLY A 232 -8.11 16.86 -13.73
CA GLY A 232 -8.39 18.27 -13.90
C GLY A 232 -9.64 18.74 -13.19
N THR A 233 -9.60 19.97 -12.66
CA THR A 233 -10.74 20.58 -12.01
C THR A 233 -10.88 22.04 -12.46
N LYS A 234 -12.10 22.58 -12.35
CA LYS A 234 -12.33 23.98 -12.67
C LYS A 234 -11.62 24.86 -11.64
N ASP A 235 -11.74 24.46 -10.37
CA ASP A 235 -11.02 25.11 -9.29
C ASP A 235 -9.51 24.90 -9.45
N PRO A 236 -8.71 25.85 -8.92
CA PRO A 236 -7.25 25.70 -8.91
C PRO A 236 -6.80 24.37 -8.31
N VAL A 237 -7.27 24.04 -7.12
CA VAL A 237 -6.96 22.76 -6.47
C VAL A 237 -8.22 22.05 -5.97
N PRO A 238 -8.19 20.71 -5.89
CA PRO A 238 -9.34 19.92 -5.44
C PRO A 238 -9.42 19.71 -3.93
N GLY A 239 -8.36 20.10 -3.21
CA GLY A 239 -8.31 19.85 -1.79
C GLY A 239 -7.58 20.94 -1.02
N TYR A 240 -7.89 21.03 0.27
CA TYR A 240 -7.40 22.15 1.09
C TYR A 240 -6.87 21.70 2.45
N SER A 241 -6.19 22.62 3.13
CA SER A 241 -5.75 22.37 4.49
C SER A 241 -5.54 23.69 5.22
N VAL A 242 -5.39 23.61 6.55
CA VAL A 242 -5.17 24.80 7.37
C VAL A 242 -3.98 24.56 8.29
N PRO A 243 -3.36 25.64 8.79
CA PRO A 243 -2.20 25.50 9.67
C PRO A 243 -2.50 24.71 10.93
N ALA A 244 -1.53 23.89 11.35
CA ALA A 244 -1.69 23.08 12.53
C ALA A 244 -0.33 22.71 13.10
N ALA A 245 -0.30 22.40 14.40
CA ALA A 245 0.93 22.02 15.06
C ALA A 245 1.15 20.51 15.04
N GLU A 246 2.40 20.11 15.23
CA GLU A 246 2.73 18.72 15.51
C GLU A 246 3.41 18.65 16.87
N HIS A 247 3.71 17.45 17.36
CA HIS A 247 4.31 17.34 18.69
C HIS A 247 5.66 18.02 18.77
N SER A 248 6.41 18.01 17.67
CA SER A 248 7.73 18.62 17.65
C SER A 248 7.68 20.13 17.85
N THR A 249 6.64 20.79 17.34
CA THR A 249 6.54 22.25 17.47
C THR A 249 6.04 22.68 18.85
N ILE A 250 5.43 21.75 19.58
CA ILE A 250 5.00 22.00 20.95
C ILE A 250 6.12 21.62 21.93
N THR A 251 6.62 20.39 21.80
CA THR A 251 7.62 19.86 22.72
C THR A 251 8.96 20.61 22.68
N ALA A 252 9.29 21.22 21.54
CA ALA A 252 10.55 21.95 21.39
C ALA A 252 10.68 23.10 22.39
N TRP A 253 9.54 23.56 22.90
CA TRP A 253 9.53 24.62 23.89
C TRP A 253 9.91 24.09 25.28
N GLY A 254 10.07 22.77 25.38
CA GLY A 254 10.35 22.15 26.66
C GLY A 254 9.09 21.95 27.49
N LYS A 255 9.07 20.88 28.28
CA LYS A 255 7.90 20.46 29.05
C LYS A 255 7.17 21.58 29.83
N ASP A 256 7.91 22.46 30.48
CA ASP A 256 7.31 23.48 31.32
C ASP A 256 6.72 24.66 30.55
N HIS A 257 6.80 24.63 29.23
CA HIS A 257 6.37 25.77 28.43
C HIS A 257 5.35 25.42 27.35
N GLU A 258 4.50 24.43 27.64
CA GLU A 258 3.45 24.04 26.71
C GLU A 258 2.51 25.22 26.47
N LYS A 259 2.25 26.00 27.52
CA LYS A 259 1.40 27.17 27.41
C LYS A 259 2.00 28.20 26.46
N ASP A 260 3.31 28.37 26.54
CA ASP A 260 4.01 29.32 25.67
C ASP A 260 3.95 28.84 24.24
N ALA A 261 4.02 27.52 24.06
CA ALA A 261 3.93 26.94 22.73
C ALA A 261 2.57 27.25 22.15
N PHE A 262 1.53 26.91 22.91
CA PHE A 262 0.15 27.09 22.46
C PHE A 262 -0.10 28.56 22.10
N GLU A 263 0.25 29.45 23.02
CA GLU A 263 0.04 30.89 22.84
C GLU A 263 0.72 31.44 21.59
N HIS A 264 1.98 31.06 21.39
CA HIS A 264 2.72 31.49 20.22
C HIS A 264 2.04 31.05 18.93
N ILE A 265 1.45 29.85 18.95
CA ILE A 265 0.91 29.26 17.73
C ILE A 265 -0.45 29.85 17.35
N VAL A 266 -1.37 29.93 18.31
CA VAL A 266 -2.68 30.53 18.05
C VAL A 266 -2.56 32.03 17.71
N THR A 267 -1.48 32.66 18.17
CA THR A 267 -1.22 34.06 17.85
C THR A 267 -0.61 34.22 16.46
N GLN A 268 0.25 33.28 16.09
CA GLN A 268 0.82 33.24 14.74
C GLN A 268 -0.25 33.07 13.68
N PHE A 269 -1.28 32.29 14.01
CA PHE A 269 -2.35 32.01 13.06
C PHE A 269 -3.69 32.51 13.60
N SER A 270 -3.70 33.78 13.99
CA SER A 270 -4.86 34.40 14.62
C SER A 270 -6.07 34.52 13.69
N SER A 271 -5.82 34.72 12.39
CA SER A 271 -6.89 35.04 11.46
C SER A 271 -7.28 33.89 10.52
N VAL A 272 -6.73 32.71 10.74
CA VAL A 272 -7.11 31.54 9.96
C VAL A 272 -7.41 30.40 10.92
N PRO A 273 -8.15 29.38 10.46
CA PRO A 273 -8.35 28.21 11.33
C PRO A 273 -7.00 27.61 11.73
N VAL A 274 -6.86 27.24 13.00
CA VAL A 274 -5.63 26.59 13.45
C VAL A 274 -5.96 25.40 14.32
N SER A 275 -5.26 24.29 14.08
CA SER A 275 -5.42 23.11 14.92
C SER A 275 -4.16 22.95 15.78
N VAL A 276 -4.35 22.54 17.03
CA VAL A 276 -3.22 22.39 17.93
C VAL A 276 -3.35 21.09 18.72
N VAL A 277 -2.40 20.19 18.49
CA VAL A 277 -2.37 18.93 19.22
C VAL A 277 -2.09 19.21 20.70
N SER A 278 -2.91 18.63 21.58
CA SER A 278 -2.90 19.03 22.98
C SER A 278 -2.58 17.90 23.95
N ASP A 279 -2.14 16.76 23.45
CA ASP A 279 -1.93 15.60 24.31
C ASP A 279 -0.46 15.26 24.59
N SER A 280 0.45 16.21 24.34
CA SER A 280 1.89 15.97 24.52
C SER A 280 2.22 15.44 25.93
N TYR A 281 1.58 15.98 26.95
CA TYR A 281 1.88 15.58 28.33
C TYR A 281 0.62 15.17 29.06
N ASP A 282 -0.42 15.99 28.95
CA ASP A 282 -1.71 15.70 29.55
C ASP A 282 -2.79 16.46 28.78
N ILE A 283 -3.58 15.74 28.00
CA ILE A 283 -4.64 16.34 27.18
C ILE A 283 -5.70 17.02 28.03
N TYR A 284 -6.05 16.41 29.15
CA TYR A 284 -7.16 16.87 29.97
C TYR A 284 -6.81 18.13 30.78
N ASN A 285 -5.53 18.26 31.12
CA ASN A 285 -5.03 19.46 31.78
C ASN A 285 -4.92 20.60 30.78
N ALA A 286 -4.53 20.27 29.55
CA ALA A 286 -4.40 21.27 28.51
C ALA A 286 -5.74 21.92 28.19
N CYS A 287 -6.78 21.11 28.09
CA CYS A 287 -8.10 21.62 27.73
C CYS A 287 -8.73 22.41 28.87
N GLU A 288 -8.56 21.90 30.08
CA GLU A 288 -9.22 22.47 31.23
C GLU A 288 -8.43 23.64 31.82
N LYS A 289 -7.13 23.48 31.94
CA LYS A 289 -6.32 24.47 32.64
C LYS A 289 -5.62 25.48 31.73
N ILE A 290 -5.13 25.04 30.57
CA ILE A 290 -4.43 25.95 29.67
C ILE A 290 -5.36 26.63 28.68
N TRP A 291 -6.11 25.83 27.90
CA TRP A 291 -7.07 26.37 26.95
C TRP A 291 -8.26 27.01 27.66
N GLY A 292 -8.70 26.39 28.75
CA GLY A 292 -9.93 26.80 29.41
C GLY A 292 -9.75 27.85 30.50
N GLU A 293 -8.50 28.16 30.84
CA GLU A 293 -8.21 29.20 31.83
C GLU A 293 -7.08 30.14 31.40
N ASP A 294 -5.85 29.64 31.35
CA ASP A 294 -4.68 30.46 31.04
C ASP A 294 -4.80 31.23 29.71
N LEU A 295 -5.18 30.53 28.65
CA LEU A 295 -5.18 31.10 27.31
C LEU A 295 -6.60 31.29 26.76
N ARG A 296 -7.59 31.07 27.62
CA ARG A 296 -9.01 31.21 27.26
C ARG A 296 -9.33 32.52 26.54
N HIS A 297 -8.68 33.60 26.95
CA HIS A 297 -8.93 34.93 26.40
C HIS A 297 -8.45 35.03 24.94
N LEU A 298 -7.55 34.14 24.55
CA LEU A 298 -7.08 34.09 23.17
C LEU A 298 -8.02 33.25 22.31
N ILE A 299 -8.96 32.56 22.95
CA ILE A 299 -9.86 31.65 22.23
C ILE A 299 -11.22 32.27 21.96
N VAL A 300 -11.81 32.89 22.97
CA VAL A 300 -13.16 33.45 22.87
C VAL A 300 -13.20 34.70 21.99
N SER A 301 -12.04 35.19 21.58
CA SER A 301 -11.93 36.37 20.74
C SER A 301 -11.80 36.01 19.26
N ARG A 302 -11.58 34.73 18.98
CA ARG A 302 -11.36 34.28 17.61
C ARG A 302 -12.61 34.35 16.73
N SER A 303 -12.39 34.61 15.45
CA SER A 303 -13.46 34.64 14.46
C SER A 303 -14.06 33.25 14.24
N THR A 304 -15.31 33.23 13.78
CA THR A 304 -16.00 31.99 13.41
C THR A 304 -15.34 31.37 12.17
N GLN A 305 -14.67 32.20 11.39
CA GLN A 305 -13.96 31.73 10.20
C GLN A 305 -12.52 31.31 10.53
N ALA A 306 -12.16 31.39 11.81
CA ALA A 306 -10.81 31.02 12.25
C ALA A 306 -10.76 30.41 13.65
N PRO A 307 -11.52 29.32 13.86
CA PRO A 307 -11.57 28.75 15.22
C PRO A 307 -10.27 28.05 15.62
N LEU A 308 -10.14 27.78 16.91
CA LEU A 308 -9.13 26.86 17.40
C LEU A 308 -9.71 25.46 17.31
N ILE A 309 -8.93 24.54 16.76
CA ILE A 309 -9.36 23.15 16.64
C ILE A 309 -8.46 22.27 17.52
N ILE A 310 -9.00 21.83 18.64
CA ILE A 310 -8.23 21.03 19.60
C ILE A 310 -8.07 19.60 19.11
N ARG A 311 -6.86 19.07 19.20
CA ARG A 311 -6.57 17.76 18.66
C ARG A 311 -5.97 16.81 19.70
N PRO A 312 -6.80 15.94 20.28
CA PRO A 312 -6.24 14.85 21.08
C PRO A 312 -5.63 13.83 20.13
N ASP A 313 -4.75 12.97 20.61
CA ASP A 313 -3.98 12.10 19.73
C ASP A 313 -3.53 10.82 20.43
N SER A 314 -4.26 10.41 21.46
CA SER A 314 -3.92 9.21 22.21
C SER A 314 -5.09 8.81 23.09
N GLY A 315 -5.05 7.58 23.61
CA GLY A 315 -6.14 7.08 24.43
C GLY A 315 -7.23 6.46 23.57
N ASN A 316 -8.25 5.90 24.21
CA ASN A 316 -9.40 5.41 23.48
C ASN A 316 -10.08 6.57 22.75
N PRO A 317 -10.21 6.45 21.42
CA PRO A 317 -10.78 7.49 20.56
C PRO A 317 -12.12 8.04 21.06
N LEU A 318 -13.07 7.15 21.35
CA LEU A 318 -14.37 7.58 21.83
C LEU A 318 -14.30 8.25 23.20
N ASP A 319 -13.62 7.60 24.14
CA ASP A 319 -13.57 8.09 25.52
C ASP A 319 -12.85 9.44 25.62
N THR A 320 -11.76 9.58 24.85
CA THR A 320 -10.98 10.81 24.85
C THR A 320 -11.76 11.97 24.22
N VAL A 321 -12.48 11.69 23.14
CA VAL A 321 -13.36 12.69 22.53
C VAL A 321 -14.45 13.15 23.50
N LEU A 322 -15.14 12.19 24.12
CA LEU A 322 -16.18 12.49 25.09
C LEU A 322 -15.68 13.34 26.26
N LYS A 323 -14.59 12.90 26.89
CA LYS A 323 -14.03 13.60 28.05
C LYS A 323 -13.54 15.00 27.71
N VAL A 324 -12.86 15.15 26.56
CA VAL A 324 -12.41 16.45 26.10
C VAL A 324 -13.61 17.39 25.88
N LEU A 325 -14.66 16.86 25.26
CA LEU A 325 -15.88 17.63 25.04
C LEU A 325 -16.55 18.05 26.35
N GLU A 326 -16.54 17.17 27.34
CA GLU A 326 -17.13 17.46 28.63
C GLU A 326 -16.33 18.56 29.34
N ILE A 327 -15.02 18.49 29.22
CA ILE A 327 -14.14 19.50 29.77
C ILE A 327 -14.39 20.86 29.13
N LEU A 328 -14.29 20.93 27.80
CA LEU A 328 -14.53 22.17 27.08
C LEU A 328 -15.95 22.67 27.30
N GLY A 329 -16.86 21.72 27.44
CA GLY A 329 -18.27 22.04 27.66
C GLY A 329 -18.50 22.82 28.94
N LYS A 330 -17.62 22.58 29.91
CA LYS A 330 -17.74 23.22 31.21
C LYS A 330 -16.92 24.50 31.32
N LYS A 331 -15.96 24.66 30.42
CA LYS A 331 -15.12 25.86 30.40
C LYS A 331 -15.58 26.87 29.35
N PHE A 332 -16.53 26.48 28.51
CA PHE A 332 -17.01 27.35 27.45
C PHE A 332 -18.54 27.41 27.35
N PRO A 333 -19.06 28.55 26.86
CA PRO A 333 -20.51 28.72 26.68
C PRO A 333 -21.06 27.75 25.63
N VAL A 334 -21.62 26.65 26.12
CA VAL A 334 -22.21 25.66 25.23
C VAL A 334 -23.68 25.97 25.00
N THR A 335 -24.12 25.90 23.75
CA THR A 335 -25.53 26.07 23.42
C THR A 335 -26.12 24.72 23.05
N GLU A 336 -27.45 24.71 22.93
CA GLU A 336 -28.16 23.54 22.45
C GLU A 336 -28.87 23.93 21.16
N ASN A 337 -28.76 23.08 20.13
CA ASN A 337 -29.36 23.40 18.84
C ASN A 337 -30.80 22.94 18.74
N SER A 338 -31.42 23.19 17.59
CA SER A 338 -32.84 22.92 17.40
C SER A 338 -33.19 21.46 17.60
N LYS A 339 -32.24 20.57 17.26
CA LYS A 339 -32.45 19.14 17.41
C LYS A 339 -32.27 18.67 18.86
N GLY A 340 -31.63 19.49 19.68
CA GLY A 340 -31.49 19.17 21.10
C GLY A 340 -30.10 18.72 21.48
N TYR A 341 -29.14 18.99 20.61
CA TYR A 341 -27.77 18.55 20.86
C TYR A 341 -26.88 19.70 21.27
N LYS A 342 -25.87 19.41 22.08
CA LYS A 342 -24.98 20.45 22.58
C LYS A 342 -24.00 20.89 21.50
N LEU A 343 -23.71 22.18 21.47
CA LEU A 343 -22.84 22.73 20.44
C LEU A 343 -21.82 23.69 21.07
N LEU A 344 -20.54 23.50 20.73
CA LEU A 344 -19.47 24.37 21.20
C LEU A 344 -19.57 25.72 20.51
N PRO A 345 -19.01 26.77 21.13
CA PRO A 345 -19.00 28.08 20.48
C PRO A 345 -18.27 28.00 19.15
N PRO A 346 -18.62 28.87 18.21
CA PRO A 346 -18.10 28.80 16.83
C PRO A 346 -16.59 28.93 16.72
N TYR A 347 -15.93 29.49 17.73
CA TYR A 347 -14.48 29.66 17.68
C TYR A 347 -13.72 28.43 18.19
N LEU A 348 -14.44 27.38 18.54
CA LEU A 348 -13.82 26.20 19.16
C LEU A 348 -14.34 24.88 18.59
N ARG A 349 -13.42 24.07 18.08
CA ARG A 349 -13.79 22.78 17.52
C ARG A 349 -12.78 21.70 17.92
N VAL A 350 -13.11 20.46 17.60
CA VAL A 350 -12.28 19.32 17.95
C VAL A 350 -12.06 18.47 16.72
N ILE A 351 -10.83 17.95 16.57
CA ILE A 351 -10.54 16.95 15.55
C ILE A 351 -9.91 15.71 16.15
N GLN A 352 -10.52 14.56 15.88
CA GLN A 352 -9.96 13.29 16.32
C GLN A 352 -9.18 12.69 15.16
N GLY A 353 -7.85 12.67 15.27
CA GLY A 353 -7.02 12.26 14.16
C GLY A 353 -6.10 11.10 14.47
N ASP A 354 -6.50 10.29 15.45
CA ASP A 354 -5.72 9.12 15.85
C ASP A 354 -6.62 7.90 15.95
N GLY A 355 -6.18 6.82 15.30
CA GLY A 355 -6.94 5.57 15.32
C GLY A 355 -8.32 5.65 14.69
N VAL A 356 -8.46 6.45 13.63
CA VAL A 356 -9.75 6.56 12.94
C VAL A 356 -9.85 5.69 11.69
N ASP A 357 -10.71 4.67 11.76
CA ASP A 357 -11.10 3.92 10.56
C ASP A 357 -12.63 3.91 10.48
N ILE A 358 -13.17 3.21 9.48
CA ILE A 358 -14.63 3.21 9.30
C ILE A 358 -15.36 2.60 10.49
N ASN A 359 -14.70 1.67 11.20
CA ASN A 359 -15.28 1.06 12.39
C ASN A 359 -15.29 1.99 13.61
N THR A 360 -14.19 2.68 13.85
CA THR A 360 -14.12 3.56 15.01
C THR A 360 -14.87 4.87 14.76
N LEU A 361 -14.83 5.35 13.52
CA LEU A 361 -15.62 6.52 13.12
C LEU A 361 -17.08 6.34 13.51
N GLN A 362 -17.62 5.16 13.25
CA GLN A 362 -18.99 4.83 13.61
C GLN A 362 -19.16 4.83 15.14
N GLU A 363 -18.24 4.20 15.85
CA GLU A 363 -18.30 4.15 17.31
C GLU A 363 -18.29 5.54 17.95
N ILE A 364 -17.49 6.45 17.39
CA ILE A 364 -17.35 7.77 17.96
C ILE A 364 -18.62 8.62 17.79
N VAL A 365 -19.04 8.85 16.55
CA VAL A 365 -20.23 9.65 16.30
C VAL A 365 -21.47 9.07 16.99
N GLU A 366 -21.53 7.74 17.08
CA GLU A 366 -22.64 7.09 17.79
C GLU A 366 -22.56 7.40 19.28
N GLY A 367 -21.35 7.30 19.83
CA GLY A 367 -21.11 7.61 21.22
C GLY A 367 -21.38 9.07 21.53
N MET A 368 -21.00 9.94 20.60
CA MET A 368 -21.24 11.37 20.75
C MET A 368 -22.75 11.64 20.82
N LYS A 369 -23.50 11.01 19.92
CA LYS A 369 -24.95 11.16 19.88
C LYS A 369 -25.62 10.68 21.17
N GLN A 370 -25.08 9.59 21.74
CA GLN A 370 -25.55 9.08 23.02
C GLN A 370 -25.42 10.14 24.11
N LYS A 371 -24.31 10.87 24.08
CA LYS A 371 -24.04 11.87 25.11
C LYS A 371 -24.54 13.25 24.69
N MET A 372 -25.43 13.27 23.69
CA MET A 372 -26.10 14.50 23.25
C MET A 372 -25.15 15.56 22.70
N TRP A 373 -24.06 15.13 22.10
CA TRP A 373 -23.14 16.06 21.44
C TRP A 373 -23.39 16.06 19.93
N SER A 374 -23.46 17.25 19.36
CA SER A 374 -23.66 17.36 17.93
C SER A 374 -22.38 17.05 17.17
N ILE A 375 -22.51 16.32 16.07
CA ILE A 375 -21.41 16.01 15.16
C ILE A 375 -20.85 17.28 14.48
N GLU A 376 -21.50 18.42 14.69
CA GLU A 376 -20.96 19.69 14.21
C GLU A 376 -19.65 20.03 14.91
N ASN A 377 -19.51 19.53 16.14
CA ASN A 377 -18.34 19.82 16.97
C ASN A 377 -17.05 19.19 16.47
N ILE A 378 -17.19 18.10 15.73
CA ILE A 378 -16.04 17.24 15.48
C ILE A 378 -15.71 17.10 14.00
N ALA A 379 -14.42 16.97 13.72
CA ALA A 379 -13.94 16.57 12.40
C ALA A 379 -13.02 15.39 12.65
N PHE A 380 -12.73 14.61 11.61
CA PHE A 380 -11.85 13.45 11.77
C PHE A 380 -10.65 13.50 10.82
N GLY A 381 -9.50 13.08 11.33
CA GLY A 381 -8.33 12.87 10.51
C GLY A 381 -8.04 11.38 10.48
N SER A 382 -7.77 10.84 9.29
CA SER A 382 -7.50 9.41 9.17
C SER A 382 -6.29 9.13 8.28
N GLY A 383 -5.32 8.40 8.82
CA GLY A 383 -4.11 8.07 8.11
C GLY A 383 -4.10 6.69 7.50
N GLY A 384 -3.58 5.72 8.24
CA GLY A 384 -3.49 4.34 7.77
C GLY A 384 -4.85 3.70 7.51
N GLY A 385 -5.84 4.11 8.29
CA GLY A 385 -7.18 3.54 8.16
C GLY A 385 -7.85 3.99 6.87
N LEU A 386 -7.38 5.09 6.33
CA LEU A 386 -7.97 5.67 5.13
C LEU A 386 -7.26 5.18 3.88
N LEU A 387 -5.94 5.16 3.93
CA LEU A 387 -5.14 4.97 2.73
C LEU A 387 -4.33 3.66 2.65
N GLN A 388 -4.18 2.96 3.77
CA GLN A 388 -3.30 1.79 3.79
C GLN A 388 -3.99 0.52 4.23
N LYS A 389 -4.87 0.64 5.22
CA LYS A 389 -5.51 -0.54 5.79
C LYS A 389 -6.64 -1.05 4.90
N LEU A 390 -6.31 -1.28 3.64
CA LEU A 390 -7.25 -1.82 2.66
C LEU A 390 -6.53 -2.87 1.84
N THR A 391 -7.28 -3.82 1.29
CA THR A 391 -6.70 -4.90 0.49
C THR A 391 -7.60 -5.19 -0.69
N ARG A 392 -7.11 -6.01 -1.61
CA ARG A 392 -7.86 -6.31 -2.82
C ARG A 392 -9.06 -7.20 -2.52
N ASP A 393 -9.01 -7.90 -1.39
CA ASP A 393 -10.08 -8.84 -1.05
C ASP A 393 -11.22 -8.21 -0.26
N LEU A 394 -11.05 -6.94 0.11
CA LEU A 394 -12.12 -6.20 0.78
C LEU A 394 -13.34 -6.07 -0.14
N LEU A 395 -13.12 -5.70 -1.40
CA LEU A 395 -14.20 -5.64 -2.38
C LEU A 395 -14.17 -6.82 -3.36
N ASN A 396 -13.27 -7.78 -3.12
CA ASN A 396 -13.07 -8.93 -3.99
C ASN A 396 -12.82 -8.56 -5.45
N CYS A 397 -11.93 -7.60 -5.67
CA CYS A 397 -11.59 -7.17 -7.03
C CYS A 397 -10.87 -8.29 -7.78
N SER A 398 -11.42 -8.65 -8.93
CA SER A 398 -10.92 -9.78 -9.70
C SER A 398 -11.00 -9.54 -11.21
N PHE A 399 -9.97 -9.99 -11.93
CA PHE A 399 -9.87 -9.85 -13.37
C PHE A 399 -9.81 -11.25 -13.96
N LYS A 400 -10.83 -11.63 -14.71
CA LYS A 400 -10.94 -12.99 -15.25
C LYS A 400 -11.26 -12.99 -16.75
N CYS A 401 -10.82 -14.03 -17.44
CA CYS A 401 -11.16 -14.21 -18.84
C CYS A 401 -12.54 -14.85 -18.96
N SER A 402 -13.44 -14.22 -19.74
CA SER A 402 -14.79 -14.76 -19.94
C SER A 402 -15.10 -15.30 -21.35
N TYR A 403 -14.26 -14.97 -22.33
CA TYR A 403 -14.58 -15.27 -23.72
C TYR A 403 -13.31 -15.38 -24.56
N VAL A 404 -13.20 -16.44 -25.34
CA VAL A 404 -12.09 -16.59 -26.28
C VAL A 404 -12.59 -17.02 -27.64
N VAL A 405 -11.80 -16.71 -28.67
CA VAL A 405 -12.07 -17.22 -30.02
C VAL A 405 -10.95 -18.15 -30.45
N THR A 406 -11.30 -19.41 -30.71
CA THR A 406 -10.34 -20.41 -31.15
C THR A 406 -10.87 -21.08 -32.43
N ASN A 407 -10.02 -21.13 -33.45
CA ASN A 407 -10.41 -21.66 -34.75
C ASN A 407 -11.61 -20.95 -35.37
N GLY A 408 -11.74 -19.66 -35.08
CA GLY A 408 -12.81 -18.85 -35.65
C GLY A 408 -14.09 -18.90 -34.85
N LEU A 409 -14.21 -19.88 -33.97
CA LEU A 409 -15.40 -20.03 -33.13
C LEU A 409 -15.17 -19.42 -31.76
N GLY A 410 -16.17 -18.67 -31.28
CA GLY A 410 -16.09 -18.04 -29.97
C GLY A 410 -16.74 -18.91 -28.91
N ILE A 411 -16.00 -19.20 -27.85
CA ILE A 411 -16.55 -19.98 -26.75
C ILE A 411 -16.55 -19.18 -25.45
N ASN A 412 -17.58 -19.38 -24.64
CA ASN A 412 -17.69 -18.71 -23.36
C ASN A 412 -16.95 -19.52 -22.30
N VAL A 413 -15.98 -18.89 -21.63
CA VAL A 413 -15.14 -19.59 -20.68
C VAL A 413 -15.27 -18.98 -19.29
N PHE A 414 -14.85 -19.74 -18.27
CA PHE A 414 -15.07 -19.34 -16.89
C PHE A 414 -14.45 -20.35 -15.92
N LYS A 415 -14.26 -19.91 -14.68
CA LYS A 415 -13.86 -20.82 -13.60
C LYS A 415 -15.02 -21.03 -12.63
N ASP A 416 -15.05 -22.18 -11.98
CA ASP A 416 -16.11 -22.51 -11.04
C ASP A 416 -15.64 -23.60 -10.09
N PRO A 417 -14.77 -23.24 -9.13
CA PRO A 417 -14.19 -24.20 -8.18
C PRO A 417 -15.25 -24.87 -7.32
N VAL A 418 -15.15 -26.19 -7.18
CA VAL A 418 -16.12 -26.98 -6.43
C VAL A 418 -16.28 -26.49 -4.98
N ALA A 419 -15.17 -26.09 -4.36
CA ALA A 419 -15.19 -25.75 -2.94
C ALA A 419 -15.46 -24.28 -2.64
N ASP A 420 -15.74 -23.49 -3.68
CA ASP A 420 -16.04 -22.07 -3.47
C ASP A 420 -16.88 -21.45 -4.58
N PRO A 421 -18.21 -21.49 -4.43
CA PRO A 421 -19.16 -20.84 -5.35
C PRO A 421 -18.86 -19.36 -5.57
N ASN A 422 -18.38 -18.67 -4.53
CA ASN A 422 -18.10 -17.24 -4.62
C ASN A 422 -17.05 -16.87 -5.67
N LYS A 423 -16.15 -17.80 -5.97
CA LYS A 423 -15.06 -17.56 -6.91
C LYS A 423 -15.43 -17.89 -8.36
N ARG A 424 -16.67 -18.31 -8.56
CA ARG A 424 -17.19 -18.55 -9.91
C ARG A 424 -17.15 -17.26 -10.72
N SER A 425 -16.74 -17.35 -11.98
CA SER A 425 -16.69 -16.16 -12.83
C SER A 425 -17.78 -16.16 -13.91
N LYS A 426 -17.88 -15.04 -14.64
CA LYS A 426 -18.96 -14.83 -15.62
C LYS A 426 -18.61 -15.40 -17.00
N LYS A 427 -19.64 -15.77 -17.76
CA LYS A 427 -19.45 -16.43 -19.04
C LYS A 427 -19.64 -15.49 -20.24
N GLY A 428 -18.71 -15.58 -21.19
CA GLY A 428 -18.86 -14.91 -22.47
C GLY A 428 -18.72 -13.41 -22.49
N ARG A 429 -19.16 -12.81 -23.59
CA ARG A 429 -19.09 -11.37 -23.77
C ARG A 429 -20.10 -10.66 -22.85
N LEU A 430 -19.65 -9.58 -22.23
CA LEU A 430 -20.43 -8.92 -21.18
C LEU A 430 -20.89 -7.51 -21.52
N SER A 431 -21.89 -7.04 -20.80
CA SER A 431 -22.35 -5.66 -20.91
C SER A 431 -23.10 -5.26 -19.65
N LEU A 432 -23.08 -3.97 -19.34
CA LEU A 432 -23.70 -3.46 -18.12
C LEU A 432 -24.90 -2.58 -18.46
N HIS A 433 -26.03 -2.84 -17.82
CA HIS A 433 -27.28 -2.17 -18.16
C HIS A 433 -28.09 -1.70 -16.97
N ARG A 434 -28.95 -0.72 -17.23
CA ARG A 434 -29.97 -0.30 -16.29
C ARG A 434 -31.15 -1.25 -16.40
N THR A 435 -31.67 -1.69 -15.26
CA THR A 435 -32.88 -2.50 -15.22
C THR A 435 -34.10 -1.58 -15.30
N PRO A 436 -35.31 -2.12 -15.51
CA PRO A 436 -36.47 -1.23 -15.54
C PRO A 436 -36.70 -0.46 -14.23
N ALA A 437 -36.25 -1.02 -13.11
CA ALA A 437 -36.40 -0.34 -11.81
C ALA A 437 -35.24 0.61 -11.50
N GLY A 438 -34.40 0.89 -12.49
CA GLY A 438 -33.30 1.83 -12.32
C GLY A 438 -32.03 1.27 -11.71
N ASN A 439 -32.01 -0.04 -11.47
CA ASN A 439 -30.81 -0.68 -10.93
C ASN A 439 -29.87 -1.18 -12.01
N PHE A 440 -28.86 -1.95 -11.60
CA PHE A 440 -27.83 -2.39 -12.54
C PHE A 440 -27.88 -3.89 -12.81
N VAL A 441 -27.67 -4.27 -14.06
CA VAL A 441 -27.56 -5.66 -14.43
C VAL A 441 -26.39 -5.87 -15.38
N THR A 442 -25.65 -6.96 -15.17
CA THR A 442 -24.61 -7.36 -16.10
C THR A 442 -25.16 -8.51 -16.94
N LEU A 443 -25.18 -8.31 -18.26
CA LEU A 443 -25.65 -9.36 -19.16
C LEU A 443 -24.49 -10.21 -19.65
N GLU A 444 -24.67 -11.52 -19.60
CA GLU A 444 -23.61 -12.46 -19.99
C GLU A 444 -23.91 -13.13 -21.33
N GLU A 445 -22.95 -13.90 -21.82
CA GLU A 445 -23.11 -14.69 -23.05
C GLU A 445 -23.49 -13.85 -24.27
N GLY A 446 -23.11 -12.58 -24.25
CA GLY A 446 -23.41 -11.68 -25.34
C GLY A 446 -24.88 -11.30 -25.43
N LYS A 447 -25.68 -11.71 -24.43
CA LYS A 447 -27.12 -11.41 -24.40
C LYS A 447 -27.45 -9.92 -24.52
N GLY A 448 -26.47 -9.05 -24.26
CA GLY A 448 -26.68 -7.62 -24.39
C GLY A 448 -26.98 -7.20 -25.82
N ASP A 449 -26.66 -8.08 -26.76
CA ASP A 449 -26.84 -7.79 -28.18
C ASP A 449 -28.31 -7.90 -28.61
N LEU A 450 -29.12 -8.56 -27.79
CA LEU A 450 -30.55 -8.63 -28.03
C LEU A 450 -31.21 -7.27 -27.82
N GLU A 451 -30.52 -6.39 -27.12
CA GLU A 451 -30.96 -5.00 -26.92
C GLU A 451 -32.33 -4.88 -26.26
N GLU A 452 -32.60 -5.76 -25.30
CA GLU A 452 -33.83 -5.71 -24.53
C GLU A 452 -33.63 -4.88 -23.28
N TYR A 453 -32.38 -4.49 -23.05
CA TYR A 453 -32.00 -3.87 -21.78
C TYR A 453 -31.36 -2.51 -22.00
N GLY A 454 -31.70 -1.87 -23.11
CA GLY A 454 -31.17 -0.55 -23.38
C GLY A 454 -29.68 -0.57 -23.66
N GLN A 455 -29.06 0.60 -23.55
CA GLN A 455 -27.69 0.80 -23.98
C GLN A 455 -26.66 0.31 -22.96
N ASP A 456 -25.58 -0.27 -23.46
CA ASP A 456 -24.45 -0.67 -22.63
C ASP A 456 -23.91 0.57 -21.92
N LEU A 457 -23.69 0.48 -20.61
CA LEU A 457 -23.11 1.60 -19.87
C LEU A 457 -21.58 1.60 -19.94
N LEU A 458 -21.01 0.54 -20.50
CA LEU A 458 -19.57 0.45 -20.71
C LEU A 458 -19.18 1.23 -21.96
N HIS A 459 -18.26 2.19 -21.80
CA HIS A 459 -17.80 3.00 -22.91
C HIS A 459 -16.36 2.65 -23.28
N THR A 460 -16.02 2.74 -24.56
CA THR A 460 -14.65 2.52 -24.99
C THR A 460 -13.75 3.65 -24.50
N VAL A 461 -12.85 3.34 -23.58
CA VAL A 461 -11.97 4.35 -23.00
C VAL A 461 -10.54 4.23 -23.50
N PHE A 462 -10.20 3.08 -24.07
CA PHE A 462 -8.87 2.81 -24.62
C PHE A 462 -8.97 1.92 -25.86
N LYS A 463 -8.29 2.31 -26.93
CA LYS A 463 -8.22 1.48 -28.11
C LYS A 463 -6.95 1.76 -28.90
N ASN A 464 -6.14 0.72 -29.08
CA ASN A 464 -4.95 0.78 -29.93
C ASN A 464 -3.94 1.90 -29.61
N GLY A 465 -3.62 2.06 -28.33
CA GLY A 465 -2.62 3.03 -27.91
C GLY A 465 -3.19 4.38 -27.52
N LYS A 466 -4.48 4.59 -27.78
CA LYS A 466 -5.10 5.89 -27.56
C LYS A 466 -6.14 5.85 -26.45
N VAL A 467 -6.12 6.85 -25.59
CA VAL A 467 -7.19 7.09 -24.62
C VAL A 467 -8.33 7.79 -25.35
N THR A 468 -9.49 7.13 -25.41
CA THR A 468 -10.57 7.57 -26.30
C THR A 468 -11.70 8.30 -25.59
N LYS A 469 -11.76 8.15 -24.27
CA LYS A 469 -12.74 8.87 -23.48
C LYS A 469 -12.18 9.20 -22.09
N SER A 470 -12.25 10.48 -21.73
CA SER A 470 -11.76 10.94 -20.44
C SER A 470 -12.83 11.68 -19.64
N TYR A 471 -12.68 11.68 -18.33
CA TYR A 471 -13.59 12.39 -17.43
C TYR A 471 -12.78 13.31 -16.54
N SER A 472 -13.30 14.50 -16.30
CA SER A 472 -12.67 15.45 -15.40
C SER A 472 -13.00 15.06 -13.96
N PHE A 473 -12.20 15.55 -13.03
CA PHE A 473 -12.42 15.21 -11.62
C PHE A 473 -13.74 15.79 -11.11
N ASP A 474 -14.21 16.84 -11.75
CA ASP A 474 -15.52 17.40 -11.42
C ASP A 474 -16.66 16.44 -11.77
N GLU A 475 -16.64 15.86 -12.97
CA GLU A 475 -17.64 14.87 -13.36
C GLU A 475 -17.65 13.68 -12.40
N ILE A 476 -16.46 13.24 -12.00
CA ILE A 476 -16.32 12.11 -11.10
C ILE A 476 -16.96 12.40 -9.74
N ARG A 477 -16.64 13.55 -9.17
CA ARG A 477 -17.26 14.00 -7.93
C ARG A 477 -18.78 14.02 -8.02
N LYS A 478 -19.30 14.53 -9.14
CA LYS A 478 -20.75 14.55 -9.35
C LYS A 478 -21.33 13.14 -9.39
N ASN A 479 -20.63 12.24 -10.07
CA ASN A 479 -21.14 10.87 -10.19
C ASN A 479 -21.12 10.10 -8.87
N ALA A 480 -20.15 10.39 -8.02
CA ALA A 480 -19.97 9.64 -6.79
C ALA A 480 -20.79 10.18 -5.63
N GLN A 481 -21.56 11.23 -5.88
CA GLN A 481 -22.39 11.88 -4.86
C GLN A 481 -23.25 10.92 -4.06
N LEU A 482 -23.54 11.29 -2.82
CA LEU A 482 -24.48 10.52 -1.99
C LEU A 482 -25.92 10.83 -2.39
N ASN A 483 -26.81 9.86 -2.17
CA ASN A 483 -28.24 10.07 -2.41
C ASN A 483 -28.80 11.18 -1.54
N ILE A 484 -28.36 11.22 -0.29
CA ILE A 484 -28.80 12.21 0.68
C ILE A 484 -28.33 13.61 0.29
N GLU A 485 -27.24 13.68 -0.48
CA GLU A 485 -26.75 14.95 -1.01
C GLU A 485 -27.56 15.36 -2.22
N LEU A 486 -28.13 14.37 -2.91
CA LEU A 486 -29.01 14.61 -4.03
C LEU A 486 -30.38 15.10 -3.54
N GLU A 487 -30.88 14.46 -2.49
CA GLU A 487 -32.19 14.79 -1.92
C GLU A 487 -32.08 15.97 -0.95
N GLU B 8 7.72 15.12 -12.84
CA GLU B 8 8.94 14.99 -12.05
C GLU B 8 8.68 15.24 -10.57
N PHE B 9 9.43 14.54 -9.71
CA PHE B 9 9.30 14.66 -8.26
C PHE B 9 9.74 16.03 -7.73
N ASN B 10 8.94 16.58 -6.82
CA ASN B 10 9.27 17.84 -6.15
C ASN B 10 9.19 17.66 -4.64
N ILE B 11 10.33 17.68 -3.97
CA ILE B 11 10.38 17.44 -2.52
C ILE B 11 9.66 18.54 -1.71
N LEU B 12 9.51 19.72 -2.31
CA LEU B 12 8.78 20.80 -1.65
C LEU B 12 7.30 20.46 -1.54
N LEU B 13 6.88 19.44 -2.28
CA LEU B 13 5.49 18.99 -2.27
C LEU B 13 5.39 17.56 -1.78
N ALA B 14 6.42 17.10 -1.06
CA ALA B 14 6.49 15.72 -0.60
C ALA B 14 6.35 15.59 0.91
N THR B 15 5.53 16.46 1.48
CA THR B 15 5.36 16.46 2.93
C THR B 15 3.88 16.65 3.25
N ASP B 16 3.50 16.38 4.49
CA ASP B 16 2.14 16.67 4.94
C ASP B 16 1.95 18.18 4.94
N SER B 17 0.80 18.63 4.45
CA SER B 17 0.48 20.06 4.36
C SER B 17 0.86 20.87 5.59
N TYR B 18 0.46 20.44 6.78
CA TYR B 18 0.67 21.24 7.98
C TYR B 18 2.13 21.50 8.30
N LYS B 19 3.02 20.66 7.77
CA LYS B 19 4.45 20.84 7.98
C LYS B 19 4.96 22.07 7.23
N VAL B 20 4.16 22.56 6.30
CA VAL B 20 4.49 23.77 5.55
C VAL B 20 4.42 24.99 6.48
N THR B 21 3.61 24.90 7.52
CA THR B 21 3.41 26.04 8.42
C THR B 21 4.27 25.95 9.68
N HIS B 22 5.09 24.91 9.78
CA HIS B 22 5.80 24.59 11.01
C HIS B 22 7.00 25.50 11.36
N TYR B 23 7.61 26.13 10.37
CA TYR B 23 8.76 26.99 10.59
C TYR B 23 8.40 28.22 11.45
N LYS B 24 7.11 28.55 11.51
CA LYS B 24 6.64 29.68 12.32
C LYS B 24 6.26 29.26 13.73
N GLN B 25 6.47 27.99 14.06
CA GLN B 25 5.94 27.46 15.31
C GLN B 25 7.01 27.10 16.34
N TYR B 26 8.22 26.82 15.87
CA TYR B 26 9.33 26.51 16.78
C TYR B 26 9.66 27.75 17.62
N PRO B 27 10.23 27.55 18.82
CA PRO B 27 10.63 28.70 19.63
C PRO B 27 11.62 29.58 18.87
N PRO B 28 11.52 30.91 19.03
CA PRO B 28 12.40 31.85 18.33
C PRO B 28 13.88 31.52 18.57
N ASN B 29 14.72 31.79 17.57
CA ASN B 29 16.16 31.50 17.64
C ASN B 29 16.46 30.01 17.83
N THR B 30 15.74 29.17 17.09
CA THR B 30 16.04 27.75 17.06
C THR B 30 17.05 27.48 15.94
N SER B 31 18.13 26.76 16.27
CA SER B 31 19.21 26.54 15.32
C SER B 31 19.36 25.06 14.97
N LYS B 32 18.81 24.21 15.82
CA LYS B 32 18.95 22.78 15.66
C LYS B 32 17.66 22.07 16.00
N VAL B 33 17.20 21.22 15.08
CA VAL B 33 16.16 20.25 15.39
C VAL B 33 16.70 18.86 15.09
N TYR B 34 16.61 17.98 16.08
CA TYR B 34 17.21 16.66 15.98
C TYR B 34 16.12 15.63 16.25
N SER B 35 15.96 14.68 15.33
CA SER B 35 14.86 13.73 15.40
C SER B 35 15.32 12.32 15.11
N TYR B 36 14.50 11.35 15.49
CA TYR B 36 14.89 9.96 15.35
C TYR B 36 13.71 9.07 14.95
N PHE B 37 14.03 7.86 14.51
CA PHE B 37 13.05 6.90 14.05
C PHE B 37 13.25 5.58 14.78
N GLU B 38 12.17 5.03 15.32
CA GLU B 38 12.23 3.71 15.95
C GLU B 38 10.98 2.92 15.66
N CYS B 39 11.08 1.60 15.82
CA CYS B 39 9.92 0.75 15.87
C CYS B 39 9.56 0.61 17.34
N ARG B 40 8.68 1.48 17.81
CA ARG B 40 8.33 1.59 19.21
C ARG B 40 7.91 0.25 19.83
N GLU B 41 8.21 0.10 21.11
CA GLU B 41 7.91 -1.13 21.84
C GLU B 41 6.43 -1.21 22.19
N LYS B 42 6.03 -2.31 22.81
CA LYS B 42 4.64 -2.49 23.24
C LYS B 42 4.55 -3.19 24.59
N VAL B 52 3.78 -10.33 21.93
CA VAL B 52 4.91 -11.27 21.96
C VAL B 52 5.38 -11.62 20.56
N LYS B 53 4.84 -10.92 19.57
CA LYS B 53 5.18 -11.15 18.17
C LYS B 53 5.89 -9.92 17.60
N TYR B 54 6.82 -10.14 16.66
CA TYR B 54 7.62 -9.08 16.05
C TYR B 54 8.51 -8.34 17.04
N GLU B 55 9.41 -9.08 17.67
CA GLU B 55 10.26 -8.51 18.70
C GLU B 55 11.50 -7.85 18.11
N GLU B 56 11.79 -8.16 16.85
CA GLU B 56 12.97 -7.65 16.19
C GLU B 56 12.67 -7.31 14.74
N THR B 57 13.27 -6.23 14.24
CA THR B 57 12.91 -5.71 12.95
C THR B 57 14.13 -5.61 12.05
N VAL B 58 13.93 -5.95 10.79
CA VAL B 58 14.97 -5.82 9.77
C VAL B 58 15.00 -4.39 9.26
N PHE B 59 16.14 -3.73 9.36
CA PHE B 59 16.24 -2.37 8.85
C PHE B 59 16.59 -2.38 7.36
N TYR B 60 15.61 -2.01 6.53
CA TYR B 60 15.78 -2.02 5.09
C TYR B 60 14.90 -0.97 4.41
N GLY B 61 15.48 -0.20 3.50
CA GLY B 61 14.68 0.66 2.64
C GLY B 61 15.10 2.11 2.56
N LEU B 62 15.79 2.59 3.60
CA LEU B 62 16.20 3.99 3.65
C LEU B 62 17.10 4.38 2.47
N GLN B 63 18.01 3.49 2.09
CA GLN B 63 18.98 3.76 1.03
C GLN B 63 18.29 4.02 -0.30
N TYR B 64 17.17 3.35 -0.51
CA TYR B 64 16.30 3.62 -1.65
C TYR B 64 15.77 5.06 -1.61
N ILE B 65 15.15 5.42 -0.49
CA ILE B 65 14.59 6.75 -0.30
C ILE B 65 15.66 7.85 -0.45
N LEU B 66 16.81 7.66 0.20
CA LEU B 66 17.92 8.60 0.12
C LEU B 66 18.32 8.91 -1.32
N ASN B 67 18.48 7.87 -2.12
CA ASN B 67 18.94 8.01 -3.49
C ASN B 67 17.90 8.56 -4.44
N LYS B 68 16.68 8.05 -4.34
CA LYS B 68 15.63 8.43 -5.26
C LYS B 68 15.04 9.81 -4.95
N TYR B 69 15.10 10.23 -3.69
CA TYR B 69 14.38 11.44 -3.29
C TYR B 69 15.19 12.55 -2.60
N LEU B 70 16.24 12.18 -1.87
CA LEU B 70 16.93 13.16 -1.03
C LEU B 70 18.26 13.69 -1.56
N LYS B 71 18.95 12.92 -2.39
CA LYS B 71 20.31 13.30 -2.80
C LYS B 71 20.35 14.24 -4.01
N GLY B 72 21.44 15.00 -4.11
CA GLY B 72 21.69 15.88 -5.25
C GLY B 72 20.92 17.20 -5.19
N LYS B 73 20.84 17.88 -6.33
CA LYS B 73 20.07 19.11 -6.38
C LYS B 73 18.59 18.77 -6.39
N VAL B 74 17.95 18.89 -5.24
CA VAL B 74 16.53 18.57 -5.12
C VAL B 74 15.68 19.84 -5.05
N VAL B 75 16.36 20.99 -5.02
CA VAL B 75 15.68 22.28 -5.02
C VAL B 75 16.05 23.06 -6.28
N THR B 76 15.06 23.61 -6.97
CA THR B 76 15.28 24.49 -8.11
C THR B 76 14.34 25.69 -8.03
N LYS B 77 14.62 26.71 -8.83
CA LYS B 77 13.74 27.89 -8.89
C LYS B 77 12.33 27.47 -9.29
N GLU B 78 12.25 26.53 -10.23
CA GLU B 78 10.99 26.05 -10.76
C GLU B 78 10.18 25.26 -9.74
N LYS B 79 10.87 24.43 -8.96
CA LYS B 79 10.19 23.67 -7.92
C LYS B 79 9.70 24.57 -6.80
N ILE B 80 10.46 25.62 -6.49
CA ILE B 80 10.04 26.58 -5.49
C ILE B 80 8.79 27.33 -5.95
N GLN B 81 8.80 27.80 -7.20
CA GLN B 81 7.67 28.53 -7.74
C GLN B 81 6.41 27.67 -7.81
N GLU B 82 6.56 26.43 -8.27
CA GLU B 82 5.47 25.47 -8.34
C GLU B 82 4.85 25.21 -6.97
N ALA B 83 5.72 25.01 -5.98
CA ALA B 83 5.28 24.79 -4.60
C ALA B 83 4.54 26.01 -4.07
N LYS B 84 5.06 27.19 -4.38
CA LYS B 84 4.46 28.45 -3.94
C LYS B 84 3.03 28.59 -4.45
N ASP B 85 2.83 28.27 -5.72
CA ASP B 85 1.53 28.42 -6.37
C ASP B 85 0.52 27.40 -5.87
N VAL B 86 0.98 26.18 -5.62
CA VAL B 86 0.10 25.13 -5.13
C VAL B 86 -0.40 25.45 -3.72
N TYR B 87 0.53 25.85 -2.86
CA TYR B 87 0.20 26.10 -1.46
C TYR B 87 -0.69 27.33 -1.27
N LYS B 88 -0.50 28.35 -2.10
CA LYS B 88 -1.36 29.52 -2.08
C LYS B 88 -2.83 29.14 -2.25
N GLU B 89 -3.09 28.20 -3.15
CA GLU B 89 -4.46 27.73 -3.35
C GLU B 89 -4.86 26.71 -2.28
N HIS B 90 -3.91 25.88 -1.88
CA HIS B 90 -4.20 24.78 -0.97
C HIS B 90 -4.53 25.28 0.42
N PHE B 91 -3.84 26.34 0.85
CA PHE B 91 -4.11 26.98 2.13
C PHE B 91 -5.03 28.20 2.02
N GLN B 92 -5.32 28.63 0.80
CA GLN B 92 -6.07 29.86 0.55
C GLN B 92 -5.39 31.04 1.24
N ASP B 93 -4.07 31.01 1.24
CA ASP B 93 -3.27 31.96 2.01
C ASP B 93 -1.80 31.80 1.62
N ASP B 94 -0.97 32.77 1.98
CA ASP B 94 0.47 32.68 1.74
C ASP B 94 1.20 32.32 3.02
N VAL B 95 1.51 31.05 3.18
CA VAL B 95 2.17 30.57 4.39
C VAL B 95 3.45 29.81 4.04
N PHE B 96 3.61 29.51 2.75
CA PHE B 96 4.77 28.77 2.26
C PHE B 96 6.09 29.53 2.48
N ASN B 97 7.05 28.85 3.09
CA ASN B 97 8.36 29.43 3.40
C ASN B 97 9.26 29.54 2.17
N GLU B 98 8.95 30.48 1.28
CA GLU B 98 9.73 30.64 0.07
C GLU B 98 11.17 31.03 0.39
N LYS B 99 11.35 31.82 1.44
CA LYS B 99 12.68 32.31 1.83
C LYS B 99 13.61 31.16 2.21
N GLY B 100 13.13 30.26 3.07
CA GLY B 100 13.92 29.15 3.54
C GLY B 100 14.41 28.24 2.43
N TRP B 101 13.55 27.94 1.47
CA TRP B 101 13.91 27.07 0.36
C TRP B 101 14.85 27.77 -0.62
N ASN B 102 14.68 29.08 -0.76
CA ASN B 102 15.58 29.87 -1.59
C ASN B 102 16.98 29.93 -1.01
N TYR B 103 17.05 29.95 0.32
CA TYR B 103 18.35 29.91 1.01
C TYR B 103 19.10 28.61 0.68
N ILE B 104 18.38 27.49 0.69
CA ILE B 104 18.98 26.19 0.37
C ILE B 104 19.46 26.15 -1.09
N LEU B 105 18.64 26.68 -1.98
CA LEU B 105 19.02 26.77 -3.39
C LEU B 105 20.29 27.61 -3.61
N GLU B 106 20.35 28.77 -2.98
CA GLU B 106 21.45 29.70 -3.23
C GLU B 106 22.72 29.36 -2.45
N LYS B 107 22.55 28.82 -1.24
CA LYS B 107 23.68 28.54 -0.38
C LYS B 107 24.30 27.16 -0.60
N TYR B 108 23.52 26.21 -1.10
CA TYR B 108 24.00 24.83 -1.26
C TYR B 108 23.67 24.20 -2.61
N ASP B 109 23.26 25.03 -3.56
CA ASP B 109 22.91 24.56 -4.90
C ASP B 109 21.83 23.47 -4.87
N GLY B 110 20.86 23.64 -4.00
CA GLY B 110 19.73 22.72 -3.94
C GLY B 110 19.99 21.45 -3.15
N HIS B 111 21.13 21.37 -2.49
CA HIS B 111 21.44 20.22 -1.66
C HIS B 111 20.97 20.43 -0.23
N LEU B 112 20.34 19.40 0.33
CA LEU B 112 19.77 19.48 1.68
C LEU B 112 20.82 19.48 2.78
N PRO B 113 20.92 20.59 3.53
CA PRO B 113 21.83 20.61 4.69
C PRO B 113 21.31 19.73 5.82
N ILE B 114 21.41 18.42 5.64
CA ILE B 114 20.88 17.43 6.56
C ILE B 114 21.92 16.33 6.82
N GLU B 115 22.02 15.89 8.07
CA GLU B 115 22.80 14.70 8.37
C GLU B 115 21.89 13.59 8.88
N ILE B 116 22.06 12.39 8.31
CA ILE B 116 21.29 11.23 8.73
C ILE B 116 22.24 10.12 9.14
N LYS B 117 22.06 9.60 10.34
CA LYS B 117 22.84 8.46 10.80
C LYS B 117 21.91 7.27 10.96
N ALA B 118 22.34 6.10 10.48
CA ALA B 118 21.46 4.93 10.47
C ALA B 118 22.20 3.62 10.77
N VAL B 119 21.48 2.65 11.33
CA VAL B 119 22.01 1.31 11.48
C VAL B 119 22.18 0.71 10.09
N PRO B 120 23.15 -0.21 9.92
CA PRO B 120 23.38 -0.88 8.64
C PRO B 120 22.12 -1.58 8.13
N GLU B 121 21.87 -1.49 6.83
CA GLU B 121 20.72 -2.16 6.24
C GLU B 121 20.86 -3.67 6.35
N GLY B 122 19.75 -4.34 6.65
CA GLY B 122 19.74 -5.78 6.85
C GLY B 122 19.86 -6.14 8.32
N PHE B 123 20.37 -5.21 9.12
CA PHE B 123 20.56 -5.45 10.55
C PHE B 123 19.24 -5.81 11.20
N VAL B 124 19.29 -6.81 12.08
CA VAL B 124 18.12 -7.19 12.85
C VAL B 124 18.23 -6.55 14.21
N ILE B 125 17.27 -5.71 14.56
CA ILE B 125 17.33 -4.87 15.76
C ILE B 125 16.05 -5.04 16.56
N PRO B 126 16.18 -5.30 17.86
CA PRO B 126 15.00 -5.40 18.75
C PRO B 126 14.21 -4.09 18.78
N ARG B 127 12.90 -4.19 18.99
CA ARG B 127 12.02 -3.03 19.04
C ARG B 127 12.45 -2.04 20.11
N GLY B 128 12.21 -0.76 19.86
CA GLY B 128 12.48 0.28 20.86
C GLY B 128 13.89 0.81 20.79
N ASN B 129 14.55 0.60 19.66
CA ASN B 129 15.88 1.14 19.47
C ASN B 129 15.90 2.14 18.34
N VAL B 130 16.77 3.14 18.48
CA VAL B 130 16.97 4.11 17.42
C VAL B 130 17.48 3.40 16.16
N LEU B 131 16.76 3.58 15.07
CA LEU B 131 17.15 2.99 13.80
C LEU B 131 17.91 4.03 12.97
N PHE B 132 17.39 5.25 12.97
CA PHE B 132 18.11 6.37 12.37
C PHE B 132 17.79 7.70 13.04
N THR B 133 18.64 8.68 12.82
CA THR B 133 18.46 10.02 13.36
C THR B 133 18.67 11.02 12.25
N VAL B 134 18.09 12.20 12.42
CA VAL B 134 18.14 13.25 11.42
C VAL B 134 18.31 14.58 12.13
N GLU B 135 19.20 15.43 11.61
CA GLU B 135 19.38 16.76 12.16
C GLU B 135 19.83 17.68 11.04
N ASN B 136 19.54 18.97 11.19
CA ASN B 136 19.97 19.95 10.22
C ASN B 136 21.43 20.36 10.48
N THR B 137 22.17 20.60 9.40
CA THR B 137 23.58 20.95 9.52
C THR B 137 23.77 22.47 9.47
N ASP B 138 22.71 23.16 9.08
CA ASP B 138 22.73 24.62 9.01
C ASP B 138 21.64 25.17 9.92
N PRO B 139 21.99 26.11 10.82
CA PRO B 139 21.06 26.76 11.75
C PRO B 139 19.83 27.34 11.06
N GLU B 140 20.04 27.94 9.90
CA GLU B 140 18.95 28.53 9.12
C GLU B 140 17.89 27.49 8.74
N CYS B 141 18.28 26.22 8.75
CA CYS B 141 17.42 25.15 8.27
C CYS B 141 16.85 24.26 9.38
N TYR B 142 16.64 24.84 10.56
CA TYR B 142 16.07 24.12 11.71
C TYR B 142 14.77 23.40 11.32
N TRP B 143 14.02 24.03 10.42
CA TRP B 143 12.71 23.54 9.99
C TRP B 143 12.78 22.38 9.01
N LEU B 144 13.99 22.10 8.51
CA LEU B 144 14.16 21.10 7.45
C LEU B 144 14.05 19.68 7.97
N THR B 145 14.60 19.44 9.16
CA THR B 145 14.64 18.13 9.79
C THR B 145 13.28 17.41 9.79
N ASN B 146 12.23 18.12 10.18
CA ASN B 146 10.91 17.51 10.22
C ASN B 146 10.07 17.72 8.96
N TRP B 147 10.57 18.53 8.02
CA TRP B 147 9.93 18.62 6.72
C TRP B 147 9.97 17.26 6.04
N ILE B 148 11.12 16.58 6.15
CA ILE B 148 11.33 15.31 5.47
C ILE B 148 10.95 14.10 6.32
N GLU B 149 10.23 14.34 7.43
CA GLU B 149 9.70 13.23 8.21
C GLU B 149 8.85 12.31 7.35
N THR B 150 7.95 12.91 6.57
CA THR B 150 6.96 12.14 5.82
C THR B 150 7.59 11.17 4.83
N ILE B 151 8.58 11.63 4.08
CA ILE B 151 9.26 10.76 3.12
C ILE B 151 10.10 9.68 3.82
N LEU B 152 10.72 10.01 4.95
CA LEU B 152 11.54 9.05 5.69
C LEU B 152 10.68 8.03 6.43
N VAL B 153 9.53 8.47 6.94
CA VAL B 153 8.63 7.57 7.67
C VAL B 153 8.09 6.45 6.76
N GLN B 154 8.07 6.69 5.46
CA GLN B 154 7.60 5.70 4.50
C GLN B 154 8.53 4.51 4.39
N SER B 155 9.68 4.61 5.04
CA SER B 155 10.59 3.49 5.17
C SER B 155 9.97 2.41 6.08
N TRP B 156 8.89 2.75 6.78
CA TRP B 156 8.19 1.77 7.60
C TRP B 156 7.84 0.53 6.74
N TYR B 157 7.49 0.78 5.49
CA TYR B 157 6.96 -0.26 4.63
C TYR B 157 8.00 -1.32 4.30
N PRO B 158 9.14 -0.93 3.67
CA PRO B 158 10.13 -1.98 3.41
C PRO B 158 10.63 -2.64 4.70
N ILE B 159 10.72 -1.88 5.78
CA ILE B 159 11.07 -2.44 7.09
C ILE B 159 10.07 -3.52 7.51
N THR B 160 8.79 -3.23 7.35
CA THR B 160 7.75 -4.12 7.82
C THR B 160 7.65 -5.38 6.96
N VAL B 161 7.80 -5.22 5.64
CA VAL B 161 7.73 -6.36 4.73
C VAL B 161 8.90 -7.29 4.98
N ALA B 162 10.10 -6.72 5.06
CA ALA B 162 11.31 -7.49 5.32
C ALA B 162 11.18 -8.25 6.64
N THR B 163 10.59 -7.61 7.64
CA THR B 163 10.42 -8.23 8.95
C THR B 163 9.42 -9.38 8.91
N ASN B 164 8.25 -9.12 8.34
CA ASN B 164 7.17 -10.10 8.27
C ASN B 164 7.53 -11.28 7.37
N SER B 165 8.34 -10.99 6.35
CA SER B 165 8.85 -12.02 5.46
C SER B 165 9.80 -12.93 6.23
N ARG B 166 10.70 -12.32 6.99
CA ARG B 166 11.69 -13.05 7.79
C ARG B 166 11.03 -13.88 8.92
N GLU B 167 9.98 -13.35 9.53
CA GLU B 167 9.26 -14.08 10.57
C GLU B 167 8.61 -15.34 10.00
N GLN B 168 8.19 -15.26 8.74
CA GLN B 168 7.59 -16.40 8.08
C GLN B 168 8.66 -17.43 7.71
N LYS B 169 9.87 -16.95 7.45
CA LYS B 169 11.01 -17.80 7.16
C LYS B 169 11.41 -18.61 8.39
N LYS B 170 11.32 -17.98 9.56
CA LYS B 170 11.58 -18.68 10.82
C LYS B 170 10.59 -19.82 11.02
N ILE B 171 9.34 -19.60 10.62
CA ILE B 171 8.30 -20.60 10.73
C ILE B 171 8.58 -21.77 9.79
N LEU B 172 8.93 -21.45 8.55
CA LEU B 172 9.22 -22.47 7.55
C LEU B 172 10.47 -23.24 7.93
N ALA B 173 11.48 -22.52 8.41
CA ALA B 173 12.73 -23.13 8.82
C ALA B 173 12.52 -24.15 9.94
N LYS B 174 11.72 -23.78 10.94
CA LYS B 174 11.46 -24.68 12.05
C LYS B 174 10.84 -25.99 11.57
N TYR B 175 9.81 -25.89 10.74
CA TYR B 175 9.08 -27.07 10.30
C TYR B 175 9.76 -27.90 9.19
N LEU B 176 10.51 -27.23 8.32
CA LEU B 176 11.30 -27.92 7.33
C LEU B 176 12.40 -28.72 8.02
N LEU B 177 13.12 -28.07 8.92
CA LEU B 177 14.15 -28.72 9.70
C LEU B 177 13.57 -29.90 10.50
N GLU B 178 12.43 -29.67 11.14
CA GLU B 178 11.83 -30.72 11.95
C GLU B 178 11.34 -31.92 11.15
N THR B 179 10.78 -31.67 9.96
CA THR B 179 10.21 -32.74 9.16
C THR B 179 11.17 -33.34 8.12
N SER B 180 12.29 -32.66 7.87
CA SER B 180 13.23 -33.13 6.84
C SER B 180 14.70 -33.20 7.30
N GLY B 181 14.99 -32.67 8.48
CA GLY B 181 16.35 -32.71 9.01
C GLY B 181 17.31 -31.67 8.46
N ASN B 182 16.85 -30.83 7.53
CA ASN B 182 17.71 -29.80 6.96
C ASN B 182 16.93 -28.57 6.49
N LEU B 183 17.63 -27.64 5.84
CA LEU B 183 17.01 -26.41 5.39
C LEU B 183 17.13 -26.22 3.88
N ASP B 184 17.25 -27.32 3.16
CA ASP B 184 17.39 -27.26 1.70
C ASP B 184 16.13 -26.66 1.07
N GLY B 185 16.34 -25.63 0.26
CA GLY B 185 15.25 -25.00 -0.47
C GLY B 185 14.40 -24.07 0.38
N LEU B 186 14.93 -23.66 1.53
CA LEU B 186 14.21 -22.74 2.41
C LEU B 186 13.97 -21.39 1.74
N GLU B 187 15.00 -20.87 1.07
CA GLU B 187 14.92 -19.57 0.40
C GLU B 187 14.05 -19.57 -0.85
N TYR B 188 13.38 -20.69 -1.12
CA TYR B 188 12.43 -20.78 -2.22
C TYR B 188 11.09 -21.33 -1.73
N LYS B 189 10.82 -21.21 -0.44
CA LYS B 189 9.58 -21.71 0.15
C LYS B 189 8.45 -20.67 0.25
N LEU B 190 8.78 -19.39 0.11
CA LEU B 190 7.77 -18.34 0.17
C LEU B 190 7.89 -17.40 -1.02
N HIS B 191 7.02 -17.60 -2.01
CA HIS B 191 7.09 -16.87 -3.26
C HIS B 191 6.24 -15.59 -3.22
N ASP B 192 6.73 -14.54 -3.88
CA ASP B 192 6.04 -13.25 -3.96
C ASP B 192 4.96 -13.27 -5.05
N PHE B 193 3.69 -13.23 -4.64
CA PHE B 193 2.58 -13.17 -5.59
C PHE B 193 1.88 -11.81 -5.57
N GLY B 194 2.50 -10.82 -4.94
CA GLY B 194 1.78 -9.62 -4.54
C GLY B 194 1.69 -8.47 -5.53
N TYR B 195 2.12 -8.67 -6.76
CA TYR B 195 2.17 -7.59 -7.74
C TYR B 195 0.80 -6.96 -8.00
N ARG B 196 -0.23 -7.78 -8.20
CA ARG B 196 -1.55 -7.23 -8.52
C ARG B 196 -2.26 -6.76 -7.26
N GLY B 197 -1.78 -7.21 -6.11
CA GLY B 197 -2.45 -6.95 -4.85
C GLY B 197 -1.91 -5.76 -4.09
N VAL B 198 -0.94 -5.06 -4.67
CA VAL B 198 -0.41 -3.86 -4.02
C VAL B 198 -1.10 -2.61 -4.56
N SER B 199 -0.78 -1.47 -3.95
CA SER B 199 -1.47 -0.23 -4.25
C SER B 199 -0.88 0.54 -5.43
N SER B 200 0.36 0.23 -5.80
CA SER B 200 0.97 0.90 -6.95
C SER B 200 2.19 0.15 -7.49
N GLN B 201 2.75 0.68 -8.57
CA GLN B 201 3.94 0.13 -9.19
C GLN B 201 5.16 0.32 -8.31
N GLU B 202 5.29 1.52 -7.73
CA GLU B 202 6.41 1.84 -6.88
C GLU B 202 6.39 0.96 -5.65
N THR B 203 5.24 0.88 -5.00
CA THR B 203 5.06 0.00 -3.85
C THR B 203 5.42 -1.46 -4.19
N ALA B 204 5.03 -1.91 -5.38
CA ALA B 204 5.33 -3.27 -5.82
C ALA B 204 6.83 -3.58 -5.77
N GLY B 205 7.62 -2.74 -6.42
CA GLY B 205 9.07 -2.89 -6.40
C GLY B 205 9.69 -2.85 -5.01
N ILE B 206 9.31 -1.83 -4.23
CA ILE B 206 9.80 -1.70 -2.86
C ILE B 206 9.47 -2.92 -2.00
N GLY B 207 8.22 -3.37 -2.09
CA GLY B 207 7.77 -4.52 -1.33
C GLY B 207 8.46 -5.80 -1.79
N ALA B 208 8.56 -5.98 -3.10
CA ALA B 208 9.20 -7.16 -3.66
C ALA B 208 10.67 -7.19 -3.30
N SER B 209 11.31 -6.03 -3.32
CA SER B 209 12.72 -5.94 -2.93
C SER B 209 12.88 -6.32 -1.45
N ALA B 210 11.92 -5.92 -0.63
CA ALA B 210 11.97 -6.23 0.80
C ALA B 210 11.84 -7.73 1.08
N HIS B 211 10.98 -8.39 0.31
CA HIS B 211 10.80 -9.82 0.44
C HIS B 211 12.08 -10.56 0.05
N LEU B 212 12.79 -10.01 -0.94
CA LEU B 212 13.98 -10.65 -1.49
C LEU B 212 15.20 -10.54 -0.56
N VAL B 213 15.02 -9.85 0.56
CA VAL B 213 16.06 -9.84 1.60
C VAL B 213 16.11 -11.23 2.24
N ASN B 214 14.97 -11.91 2.25
CA ASN B 214 14.86 -13.20 2.93
C ASN B 214 14.71 -14.41 2.00
N PHE B 215 14.11 -14.21 0.84
CA PHE B 215 13.87 -15.30 -0.11
C PHE B 215 14.36 -14.94 -1.52
N LYS B 216 14.27 -15.89 -2.44
CA LYS B 216 14.75 -15.69 -3.80
C LYS B 216 13.66 -15.86 -4.86
N GLY B 217 12.48 -16.28 -4.43
CA GLY B 217 11.38 -16.49 -5.35
C GLY B 217 10.41 -15.32 -5.40
N THR B 218 10.29 -14.72 -6.57
CA THR B 218 9.38 -13.59 -6.77
C THR B 218 8.75 -13.64 -8.16
N ASP B 219 7.53 -13.11 -8.25
CA ASP B 219 6.85 -12.92 -9.53
C ASP B 219 6.63 -11.43 -9.79
N THR B 220 7.02 -10.60 -8.83
CA THR B 220 6.92 -9.17 -8.97
C THR B 220 8.19 -8.65 -9.62
N VAL B 221 8.18 -8.63 -10.95
CA VAL B 221 9.34 -8.23 -11.74
C VAL B 221 9.96 -6.92 -11.29
N ALA B 222 9.09 -5.99 -10.89
CA ALA B 222 9.50 -4.63 -10.53
C ALA B 222 10.57 -4.56 -9.43
N GLY B 223 10.66 -5.61 -8.63
CA GLY B 223 11.62 -5.63 -7.53
C GLY B 223 13.05 -5.82 -8.01
N LEU B 224 13.21 -6.52 -9.13
CA LEU B 224 14.54 -6.80 -9.65
C LEU B 224 15.28 -5.53 -10.07
N ALA B 225 14.60 -4.67 -10.82
CA ALA B 225 15.22 -3.46 -11.33
C ALA B 225 15.61 -2.49 -10.21
N LEU B 226 14.78 -2.44 -9.17
CA LEU B 226 15.03 -1.58 -8.02
C LEU B 226 16.33 -1.98 -7.31
N ILE B 227 16.42 -3.26 -6.95
CA ILE B 227 17.62 -3.82 -6.33
C ILE B 227 18.87 -3.54 -7.16
N LYS B 228 18.82 -3.85 -8.45
CA LYS B 228 19.93 -3.60 -9.36
C LYS B 228 20.34 -2.12 -9.38
N LYS B 229 19.37 -1.22 -9.35
CA LYS B 229 19.64 0.21 -9.39
C LYS B 229 20.08 0.81 -8.05
N TYR B 230 19.45 0.39 -6.97
CA TYR B 230 19.70 1.01 -5.66
C TYR B 230 20.54 0.19 -4.67
N TYR B 231 20.72 -1.10 -4.94
CA TYR B 231 21.46 -1.96 -4.01
C TYR B 231 22.54 -2.81 -4.68
N GLY B 232 22.17 -3.55 -5.72
CA GLY B 232 23.11 -4.33 -6.49
C GLY B 232 23.44 -5.69 -5.90
N THR B 233 23.51 -6.70 -6.77
CA THR B 233 23.92 -8.04 -6.37
C THR B 233 25.07 -8.53 -7.24
N LYS B 234 25.85 -9.47 -6.70
CA LYS B 234 26.90 -10.11 -7.48
C LYS B 234 26.29 -10.86 -8.66
N ASP B 235 25.25 -11.66 -8.38
CA ASP B 235 24.50 -12.36 -9.42
C ASP B 235 23.75 -11.39 -10.33
N PRO B 236 23.43 -11.83 -11.56
CA PRO B 236 22.66 -11.02 -12.51
C PRO B 236 21.29 -10.57 -11.98
N VAL B 237 20.52 -11.51 -11.45
CA VAL B 237 19.24 -11.16 -10.83
C VAL B 237 19.15 -11.74 -9.41
N PRO B 238 18.49 -11.00 -8.50
CA PRO B 238 18.34 -11.44 -7.10
C PRO B 238 17.19 -12.42 -6.89
N GLY B 239 16.31 -12.57 -7.87
CA GLY B 239 15.14 -13.41 -7.71
C GLY B 239 14.77 -14.18 -8.94
N TYR B 240 14.06 -15.28 -8.74
CA TYR B 240 13.75 -16.20 -9.83
C TYR B 240 12.30 -16.65 -9.87
N SER B 241 11.89 -17.16 -11.02
CA SER B 241 10.57 -17.75 -11.18
C SER B 241 10.63 -18.88 -12.20
N VAL B 242 9.59 -19.69 -12.22
CA VAL B 242 9.44 -20.77 -13.19
C VAL B 242 8.12 -20.59 -13.93
N PRO B 243 7.99 -21.20 -15.12
CA PRO B 243 6.73 -21.12 -15.85
C PRO B 243 5.59 -21.74 -15.05
N ALA B 244 4.39 -21.20 -15.25
CA ALA B 244 3.19 -21.73 -14.61
C ALA B 244 1.96 -21.26 -15.35
N ALA B 245 0.83 -21.89 -15.05
CA ALA B 245 -0.43 -21.57 -15.69
C ALA B 245 -1.31 -20.67 -14.81
N GLU B 246 -2.26 -20.00 -15.44
CA GLU B 246 -3.29 -19.30 -14.69
C GLU B 246 -4.63 -19.85 -15.13
N HIS B 247 -5.72 -19.42 -14.47
CA HIS B 247 -7.04 -19.93 -14.80
C HIS B 247 -7.43 -19.66 -16.24
N SER B 248 -6.99 -18.51 -16.76
CA SER B 248 -7.27 -18.16 -18.16
C SER B 248 -6.64 -19.13 -19.17
N THR B 249 -5.43 -19.63 -18.88
CA THR B 249 -4.77 -20.55 -19.82
C THR B 249 -5.29 -21.98 -19.73
N ILE B 250 -6.08 -22.25 -18.71
CA ILE B 250 -6.74 -23.54 -18.57
C ILE B 250 -8.19 -23.46 -19.04
N THR B 251 -8.93 -22.48 -18.53
CA THR B 251 -10.34 -22.35 -18.84
C THR B 251 -10.62 -22.05 -20.31
N ALA B 252 -9.64 -21.45 -21.00
CA ALA B 252 -9.79 -21.07 -22.41
C ALA B 252 -9.98 -22.29 -23.30
N TRP B 253 -9.48 -23.43 -22.84
CA TRP B 253 -9.64 -24.69 -23.57
C TRP B 253 -11.07 -25.20 -23.48
N GLY B 254 -11.88 -24.55 -22.65
CA GLY B 254 -13.25 -24.97 -22.43
C GLY B 254 -13.33 -26.02 -21.35
N LYS B 255 -14.42 -25.97 -20.58
CA LYS B 255 -14.67 -26.86 -19.44
C LYS B 255 -14.32 -28.33 -19.69
N ASP B 256 -14.81 -28.87 -20.81
CA ASP B 256 -14.62 -30.27 -21.14
C ASP B 256 -13.20 -30.64 -21.56
N HIS B 257 -12.31 -29.65 -21.64
CA HIS B 257 -10.97 -29.91 -22.14
C HIS B 257 -9.86 -29.52 -21.17
N GLU B 258 -10.10 -29.71 -19.88
CA GLU B 258 -9.10 -29.44 -18.86
C GLU B 258 -7.90 -30.39 -19.01
N LYS B 259 -8.17 -31.64 -19.38
CA LYS B 259 -7.12 -32.62 -19.60
C LYS B 259 -6.20 -32.20 -20.73
N ASP B 260 -6.78 -31.72 -21.83
CA ASP B 260 -6.02 -31.26 -22.98
C ASP B 260 -5.15 -30.06 -22.63
N ALA B 261 -5.71 -29.15 -21.82
CA ALA B 261 -4.98 -27.97 -21.38
C ALA B 261 -3.74 -28.37 -20.58
N PHE B 262 -3.96 -29.22 -19.57
CA PHE B 262 -2.89 -29.70 -18.71
C PHE B 262 -1.78 -30.33 -19.54
N GLU B 263 -2.17 -31.19 -20.49
CA GLU B 263 -1.21 -31.94 -21.30
C GLU B 263 -0.36 -31.06 -22.18
N HIS B 264 -0.98 -30.07 -22.81
CA HIS B 264 -0.28 -29.09 -23.62
C HIS B 264 0.76 -28.36 -22.78
N ILE B 265 0.34 -27.94 -21.59
CA ILE B 265 1.21 -27.14 -20.74
C ILE B 265 2.43 -27.91 -20.22
N VAL B 266 2.21 -29.09 -19.64
CA VAL B 266 3.34 -29.88 -19.15
C VAL B 266 4.29 -30.31 -20.28
N THR B 267 3.76 -30.52 -21.48
CA THR B 267 4.59 -30.87 -22.63
C THR B 267 5.38 -29.66 -23.16
N GLN B 268 4.77 -28.48 -23.12
CA GLN B 268 5.46 -27.26 -23.53
C GLN B 268 6.65 -26.98 -22.63
N PHE B 269 6.50 -27.28 -21.34
CA PHE B 269 7.57 -27.10 -20.37
C PHE B 269 7.92 -28.44 -19.73
N SER B 270 8.49 -29.34 -20.54
CA SER B 270 8.73 -30.70 -20.07
C SER B 270 10.11 -30.88 -19.45
N SER B 271 10.97 -29.89 -19.61
CA SER B 271 12.34 -29.97 -19.09
C SER B 271 12.66 -28.87 -18.07
N VAL B 272 11.65 -28.10 -17.69
CA VAL B 272 11.82 -27.09 -16.64
C VAL B 272 10.70 -27.28 -15.61
N PRO B 273 10.88 -26.75 -14.38
CA PRO B 273 9.78 -26.84 -13.41
C PRO B 273 8.55 -26.11 -13.94
N VAL B 274 7.38 -26.68 -13.72
CA VAL B 274 6.13 -26.07 -14.18
C VAL B 274 5.06 -26.22 -13.09
N SER B 275 4.34 -25.14 -12.83
CA SER B 275 3.22 -25.21 -11.91
C SER B 275 1.91 -25.05 -12.66
N VAL B 276 0.92 -25.86 -12.31
CA VAL B 276 -0.37 -25.82 -12.99
C VAL B 276 -1.50 -25.74 -11.99
N VAL B 277 -2.25 -24.64 -12.04
CA VAL B 277 -3.40 -24.48 -11.17
C VAL B 277 -4.49 -25.49 -11.58
N SER B 278 -4.98 -26.25 -10.61
CA SER B 278 -5.82 -27.40 -10.91
C SER B 278 -7.22 -27.29 -10.31
N ASP B 279 -7.61 -26.10 -9.91
CA ASP B 279 -8.85 -25.91 -9.16
C ASP B 279 -9.95 -25.18 -9.94
N SER B 280 -9.73 -24.99 -11.25
CA SER B 280 -10.71 -24.33 -12.11
C SER B 280 -12.12 -24.91 -12.01
N TYR B 281 -12.24 -26.23 -11.94
CA TYR B 281 -13.56 -26.86 -11.86
C TYR B 281 -13.66 -27.77 -10.64
N ASP B 282 -12.73 -28.71 -10.54
CA ASP B 282 -12.71 -29.63 -9.41
C ASP B 282 -11.28 -30.05 -9.11
N ILE B 283 -10.70 -29.40 -8.09
CA ILE B 283 -9.32 -29.65 -7.69
C ILE B 283 -9.06 -31.13 -7.37
N TYR B 284 -10.01 -31.76 -6.67
CA TYR B 284 -9.82 -33.13 -6.20
C TYR B 284 -10.02 -34.12 -7.34
N ASN B 285 -10.82 -33.74 -8.33
CA ASN B 285 -10.96 -34.55 -9.52
C ASN B 285 -9.71 -34.49 -10.38
N ALA B 286 -9.17 -33.29 -10.55
CA ALA B 286 -8.01 -33.13 -11.43
C ALA B 286 -6.78 -33.84 -10.86
N CYS B 287 -6.67 -33.85 -9.53
CA CYS B 287 -5.55 -34.52 -8.88
C CYS B 287 -5.69 -36.03 -8.96
N GLU B 288 -6.92 -36.52 -8.83
CA GLU B 288 -7.14 -37.96 -8.78
C GLU B 288 -7.31 -38.59 -10.16
N LYS B 289 -8.10 -37.94 -11.02
CA LYS B 289 -8.40 -38.50 -12.33
C LYS B 289 -7.49 -38.02 -13.45
N ILE B 290 -7.24 -36.72 -13.53
CA ILE B 290 -6.43 -36.19 -14.62
C ILE B 290 -4.93 -36.38 -14.37
N TRP B 291 -4.40 -35.69 -13.36
CA TRP B 291 -2.99 -35.88 -12.98
C TRP B 291 -2.69 -37.34 -12.56
N GLY B 292 -3.61 -37.95 -11.82
CA GLY B 292 -3.37 -39.24 -11.20
C GLY B 292 -3.63 -40.47 -12.04
N GLU B 293 -4.31 -40.31 -13.16
CA GLU B 293 -4.60 -41.44 -14.05
C GLU B 293 -4.37 -41.10 -15.52
N ASP B 294 -5.12 -40.14 -16.04
CA ASP B 294 -5.07 -39.80 -17.46
C ASP B 294 -3.69 -39.33 -17.93
N LEU B 295 -3.09 -38.42 -17.17
CA LEU B 295 -1.81 -37.83 -17.57
C LEU B 295 -0.66 -38.27 -16.65
N ARG B 296 -0.88 -39.31 -15.87
CA ARG B 296 0.13 -39.79 -14.91
C ARG B 296 1.44 -40.17 -15.59
N HIS B 297 1.36 -40.66 -16.81
CA HIS B 297 2.53 -41.11 -17.56
C HIS B 297 3.46 -39.96 -17.95
N LEU B 298 2.91 -38.76 -18.00
CA LEU B 298 3.67 -37.56 -18.34
C LEU B 298 4.29 -36.91 -17.11
N ILE B 299 3.91 -37.40 -15.94
CA ILE B 299 4.42 -36.83 -14.69
C ILE B 299 5.57 -37.65 -14.12
N VAL B 300 5.40 -38.97 -14.08
CA VAL B 300 6.41 -39.88 -13.53
C VAL B 300 7.67 -39.92 -14.39
N SER B 301 7.55 -39.40 -15.61
CA SER B 301 8.66 -39.37 -16.55
C SER B 301 9.47 -38.09 -16.46
N ARG B 302 9.00 -37.12 -15.68
CA ARG B 302 9.67 -35.83 -15.55
C ARG B 302 10.91 -35.89 -14.66
N SER B 303 11.85 -35.00 -14.95
CA SER B 303 13.10 -34.90 -14.21
C SER B 303 12.90 -34.27 -12.84
N THR B 304 13.84 -34.55 -11.93
CA THR B 304 13.80 -33.99 -10.59
C THR B 304 14.06 -32.48 -10.63
N GLN B 305 14.75 -32.04 -11.68
CA GLN B 305 15.02 -30.61 -11.88
C GLN B 305 13.84 -29.95 -12.61
N ALA B 306 12.85 -30.75 -12.99
CA ALA B 306 11.67 -30.25 -13.69
C ALA B 306 10.38 -30.86 -13.19
N PRO B 307 10.07 -30.69 -11.90
CA PRO B 307 8.86 -31.32 -11.38
C PRO B 307 7.58 -30.58 -11.78
N LEU B 308 6.47 -31.31 -11.84
CA LEU B 308 5.16 -30.69 -11.91
C LEU B 308 4.83 -30.19 -10.51
N ILE B 309 4.40 -28.94 -10.42
CA ILE B 309 4.01 -28.39 -9.14
C ILE B 309 2.50 -28.10 -9.19
N ILE B 310 1.73 -28.93 -8.50
CA ILE B 310 0.29 -28.79 -8.50
C ILE B 310 -0.15 -27.63 -7.61
N ARG B 311 -1.10 -26.83 -8.08
CA ARG B 311 -1.49 -25.63 -7.35
C ARG B 311 -2.99 -25.50 -7.14
N PRO B 312 -3.46 -25.76 -5.90
CA PRO B 312 -4.84 -25.46 -5.52
C PRO B 312 -4.97 -23.96 -5.25
N ASP B 313 -6.16 -23.41 -5.44
CA ASP B 313 -6.36 -21.96 -5.34
C ASP B 313 -7.71 -21.59 -4.72
N SER B 314 -8.32 -22.53 -4.01
CA SER B 314 -9.60 -22.27 -3.38
C SER B 314 -9.84 -23.23 -2.22
N GLY B 315 -10.85 -22.91 -1.41
CA GLY B 315 -11.19 -23.74 -0.27
C GLY B 315 -10.39 -23.37 0.94
N ASN B 316 -10.67 -24.03 2.06
CA ASN B 316 -9.88 -23.86 3.26
C ASN B 316 -8.44 -24.27 2.97
N PRO B 317 -7.51 -23.33 3.14
CA PRO B 317 -6.09 -23.51 2.80
C PRO B 317 -5.47 -24.78 3.39
N LEU B 318 -5.68 -25.04 4.67
CA LEU B 318 -5.14 -26.24 5.30
C LEU B 318 -5.85 -27.52 4.85
N ASP B 319 -7.17 -27.46 4.78
CA ASP B 319 -7.95 -28.65 4.41
C ASP B 319 -7.69 -29.09 2.98
N THR B 320 -7.61 -28.12 2.07
CA THR B 320 -7.37 -28.41 0.66
C THR B 320 -6.01 -29.05 0.44
N VAL B 321 -4.99 -28.51 1.09
CA VAL B 321 -3.63 -29.03 0.99
C VAL B 321 -3.53 -30.49 1.45
N LEU B 322 -4.11 -30.78 2.60
CA LEU B 322 -4.11 -32.14 3.15
C LEU B 322 -4.80 -33.15 2.24
N LYS B 323 -5.97 -32.79 1.73
CA LYS B 323 -6.73 -33.67 0.86
C LYS B 323 -6.00 -33.89 -0.46
N VAL B 324 -5.43 -32.83 -1.01
CA VAL B 324 -4.64 -32.93 -2.22
C VAL B 324 -3.44 -33.89 -2.01
N LEU B 325 -2.73 -33.70 -0.91
CA LEU B 325 -1.61 -34.58 -0.57
C LEU B 325 -2.02 -36.03 -0.39
N GLU B 326 -3.15 -36.26 0.27
CA GLU B 326 -3.67 -37.62 0.45
C GLU B 326 -4.10 -38.24 -0.88
N ILE B 327 -4.65 -37.44 -1.78
CA ILE B 327 -5.00 -37.91 -3.11
C ILE B 327 -3.76 -38.29 -3.90
N LEU B 328 -2.76 -37.40 -3.91
CA LEU B 328 -1.52 -37.67 -4.65
C LEU B 328 -0.72 -38.79 -3.99
N GLY B 329 -0.80 -38.83 -2.66
CA GLY B 329 -0.16 -39.88 -1.89
C GLY B 329 -0.65 -41.28 -2.25
N LYS B 330 -1.85 -41.36 -2.81
CA LYS B 330 -2.46 -42.64 -3.15
C LYS B 330 -2.36 -42.98 -4.64
N LYS B 331 -1.92 -42.02 -5.45
CA LYS B 331 -1.79 -42.25 -6.88
C LYS B 331 -0.33 -42.25 -7.29
N PHE B 332 0.54 -41.87 -6.36
CA PHE B 332 1.97 -41.78 -6.64
C PHE B 332 2.82 -42.47 -5.59
N PRO B 333 3.96 -43.02 -6.00
CA PRO B 333 4.87 -43.68 -5.06
C PRO B 333 5.40 -42.70 -4.01
N VAL B 334 4.88 -42.81 -2.80
CA VAL B 334 5.29 -41.96 -1.69
C VAL B 334 6.35 -42.66 -0.87
N THR B 335 7.38 -41.91 -0.47
CA THR B 335 8.42 -42.46 0.36
C THR B 335 8.39 -41.85 1.76
N GLU B 336 9.21 -42.41 2.64
CA GLU B 336 9.33 -41.92 4.00
C GLU B 336 10.77 -41.50 4.21
N ASN B 337 10.99 -40.23 4.55
CA ASN B 337 12.34 -39.72 4.75
C ASN B 337 12.92 -40.15 6.08
N SER B 338 14.15 -39.69 6.36
CA SER B 338 14.87 -40.12 7.55
C SER B 338 14.19 -39.71 8.87
N LYS B 339 13.35 -38.69 8.82
CA LYS B 339 12.65 -38.21 10.02
C LYS B 339 11.33 -38.93 10.23
N GLY B 340 10.96 -39.77 9.26
CA GLY B 340 9.74 -40.55 9.36
C GLY B 340 8.54 -39.90 8.70
N TYR B 341 8.77 -38.83 7.96
CA TYR B 341 7.69 -38.08 7.32
C TYR B 341 7.51 -38.49 5.87
N LYS B 342 6.26 -38.46 5.41
CA LYS B 342 5.95 -38.83 4.03
C LYS B 342 6.44 -37.78 3.05
N LEU B 343 6.83 -38.23 1.87
CA LEU B 343 7.41 -37.37 0.85
C LEU B 343 6.98 -37.83 -0.55
N LEU B 344 6.46 -36.90 -1.35
CA LEU B 344 6.07 -37.19 -2.72
C LEU B 344 7.32 -37.55 -3.54
N PRO B 345 7.13 -38.23 -4.68
CA PRO B 345 8.28 -38.46 -5.56
C PRO B 345 8.83 -37.11 -6.05
N PRO B 346 10.13 -37.04 -6.33
CA PRO B 346 10.81 -35.77 -6.62
C PRO B 346 10.30 -35.03 -7.84
N TYR B 347 9.51 -35.69 -8.68
CA TYR B 347 8.95 -35.05 -9.87
C TYR B 347 7.61 -34.36 -9.59
N LEU B 348 7.18 -34.43 -8.34
CA LEU B 348 5.86 -33.94 -7.99
C LEU B 348 5.89 -33.10 -6.71
N ARG B 349 5.48 -31.84 -6.83
CA ARG B 349 5.42 -30.94 -5.67
C ARG B 349 4.10 -30.18 -5.62
N VAL B 350 3.87 -29.48 -4.51
CA VAL B 350 2.64 -28.73 -4.32
C VAL B 350 2.94 -27.29 -3.92
N ILE B 351 2.15 -26.35 -4.42
CA ILE B 351 2.23 -24.98 -3.93
C ILE B 351 0.87 -24.45 -3.53
N GLN B 352 0.80 -23.89 -2.32
CA GLN B 352 -0.40 -23.24 -1.84
C GLN B 352 -0.23 -21.74 -2.00
N GLY B 353 -1.00 -21.16 -2.92
CA GLY B 353 -0.81 -19.77 -3.30
C GLY B 353 -2.03 -18.91 -3.09
N ASP B 354 -2.96 -19.41 -2.29
CA ASP B 354 -4.17 -18.68 -1.96
C ASP B 354 -4.36 -18.68 -0.46
N GLY B 355 -4.72 -17.52 0.07
CA GLY B 355 -5.00 -17.36 1.49
C GLY B 355 -3.79 -17.47 2.39
N VAL B 356 -2.61 -17.17 1.86
CA VAL B 356 -1.38 -17.32 2.65
C VAL B 356 -0.91 -16.02 3.28
N ASP B 357 -1.12 -15.92 4.60
CA ASP B 357 -0.45 -14.88 5.40
C ASP B 357 0.32 -15.56 6.53
N ILE B 358 1.02 -14.77 7.36
CA ILE B 358 1.87 -15.34 8.40
C ILE B 358 1.09 -16.26 9.35
N ASN B 359 -0.17 -15.91 9.61
CA ASN B 359 -1.01 -16.74 10.47
C ASN B 359 -1.41 -18.07 9.84
N THR B 360 -1.84 -18.04 8.58
CA THR B 360 -2.29 -19.27 7.92
C THR B 360 -1.11 -20.14 7.50
N LEU B 361 0.03 -19.51 7.23
CA LEU B 361 1.26 -20.22 6.92
C LEU B 361 1.63 -21.15 8.07
N GLN B 362 1.46 -20.66 9.29
CA GLN B 362 1.74 -21.42 10.50
C GLN B 362 0.73 -22.55 10.67
N GLU B 363 -0.53 -22.29 10.33
CA GLU B 363 -1.59 -23.28 10.47
C GLU B 363 -1.39 -24.44 9.50
N ILE B 364 -0.88 -24.14 8.32
CA ILE B 364 -0.71 -25.15 7.28
C ILE B 364 0.48 -26.08 7.54
N VAL B 365 1.65 -25.51 7.83
CA VAL B 365 2.83 -26.32 8.09
C VAL B 365 2.64 -27.22 9.32
N GLU B 366 1.93 -26.71 10.33
CA GLU B 366 1.69 -27.47 11.55
C GLU B 366 0.66 -28.57 11.34
N GLY B 367 -0.37 -28.27 10.55
CA GLY B 367 -1.36 -29.27 10.18
C GLY B 367 -0.76 -30.37 9.31
N MET B 368 0.17 -29.98 8.43
CA MET B 368 0.90 -30.92 7.59
C MET B 368 1.77 -31.84 8.45
N LYS B 369 2.48 -31.25 9.41
CA LYS B 369 3.32 -32.02 10.32
C LYS B 369 2.51 -33.04 11.12
N GLN B 370 1.31 -32.64 11.55
CA GLN B 370 0.41 -33.52 12.29
C GLN B 370 -0.06 -34.69 11.45
N LYS B 371 -0.11 -34.52 10.13
CA LYS B 371 -0.50 -35.61 9.25
C LYS B 371 0.72 -36.33 8.68
N MET B 372 1.89 -36.03 9.23
CA MET B 372 3.15 -36.68 8.86
C MET B 372 3.66 -36.37 7.44
N TRP B 373 3.27 -35.21 6.91
CA TRP B 373 3.78 -34.78 5.61
C TRP B 373 4.93 -33.81 5.79
N SER B 374 6.04 -34.07 5.10
CA SER B 374 7.19 -33.19 5.17
C SER B 374 6.88 -31.84 4.52
N ILE B 375 7.54 -30.79 5.00
CA ILE B 375 7.41 -29.46 4.44
C ILE B 375 8.22 -29.37 3.14
N GLU B 376 9.01 -30.41 2.87
CA GLU B 376 9.70 -30.54 1.59
C GLU B 376 8.68 -30.58 0.46
N ASN B 377 7.51 -31.12 0.77
CA ASN B 377 6.48 -31.34 -0.22
C ASN B 377 5.90 -30.05 -0.77
N ILE B 378 5.97 -28.99 0.04
CA ILE B 378 5.16 -27.80 -0.20
C ILE B 378 5.97 -26.50 -0.30
N ALA B 379 5.45 -25.58 -1.10
CA ALA B 379 5.99 -24.24 -1.20
C ALA B 379 4.78 -23.32 -1.05
N PHE B 380 5.01 -22.07 -0.67
CA PHE B 380 3.88 -21.15 -0.48
C PHE B 380 4.02 -19.93 -1.37
N GLY B 381 2.90 -19.51 -1.95
CA GLY B 381 2.83 -18.24 -2.65
C GLY B 381 1.94 -17.28 -1.88
N SER B 382 2.40 -16.04 -1.73
CA SER B 382 1.66 -15.05 -0.94
C SER B 382 1.62 -13.69 -1.62
N GLY B 383 0.41 -13.16 -1.74
CA GLY B 383 0.20 -11.89 -2.41
C GLY B 383 -0.05 -10.75 -1.45
N GLY B 384 -1.33 -10.43 -1.26
CA GLY B 384 -1.72 -9.37 -0.35
C GLY B 384 -1.21 -9.56 1.07
N GLY B 385 -1.14 -10.82 1.50
CA GLY B 385 -0.65 -11.15 2.83
C GLY B 385 0.79 -10.74 3.00
N LEU B 386 1.55 -10.76 1.91
CA LEU B 386 2.97 -10.49 1.95
C LEU B 386 3.27 -9.00 1.79
N LEU B 387 2.60 -8.35 0.84
CA LEU B 387 2.96 -6.99 0.45
C LEU B 387 1.93 -5.89 0.74
N GLN B 388 0.69 -6.26 1.04
CA GLN B 388 -0.37 -5.26 1.23
C GLN B 388 -0.99 -5.23 2.62
N LYS B 389 -1.31 -6.39 3.17
CA LYS B 389 -1.98 -6.44 4.47
C LYS B 389 -1.02 -6.10 5.62
N LEU B 390 -0.42 -4.92 5.55
CA LEU B 390 0.48 -4.43 6.58
C LEU B 390 0.26 -2.94 6.74
N THR B 391 0.49 -2.42 7.95
CA THR B 391 0.35 -1.01 8.22
C THR B 391 1.50 -0.53 9.10
N ARG B 392 1.60 0.78 9.28
CA ARG B 392 2.69 1.36 10.02
C ARG B 392 2.64 1.01 11.51
N ASP B 393 1.46 0.66 12.01
CA ASP B 393 1.32 0.40 13.44
C ASP B 393 1.61 -1.04 13.86
N LEU B 394 1.97 -1.88 12.90
CA LEU B 394 2.33 -3.26 13.19
C LEU B 394 3.63 -3.31 13.99
N LEU B 395 4.58 -2.47 13.61
CA LEU B 395 5.83 -2.34 14.33
C LEU B 395 5.91 -1.02 15.09
N ASN B 396 4.83 -0.24 15.03
CA ASN B 396 4.80 1.10 15.60
C ASN B 396 5.98 1.96 15.14
N CYS B 397 6.11 2.12 13.82
CA CYS B 397 7.18 2.92 13.25
C CYS B 397 6.89 4.39 13.47
N SER B 398 7.84 5.09 14.06
CA SER B 398 7.59 6.46 14.48
C SER B 398 8.82 7.35 14.35
N PHE B 399 8.56 8.63 14.11
CA PHE B 399 9.59 9.63 13.91
C PHE B 399 9.26 10.78 14.87
N LYS B 400 10.22 11.13 15.72
CA LYS B 400 9.97 12.08 16.80
C LYS B 400 11.18 12.96 17.04
N CYS B 401 10.94 14.19 17.49
CA CYS B 401 12.00 15.10 17.86
C CYS B 401 12.44 14.81 19.29
N SER B 402 13.75 14.61 19.49
CA SER B 402 14.27 14.32 20.83
C SER B 402 15.20 15.41 21.38
N TYR B 403 15.69 16.29 20.50
CA TYR B 403 16.68 17.27 20.91
C TYR B 403 16.62 18.54 20.05
N VAL B 404 16.63 19.70 20.69
CA VAL B 404 16.68 20.97 19.98
C VAL B 404 17.65 21.94 20.63
N VAL B 405 18.15 22.89 19.84
CA VAL B 405 18.94 23.98 20.39
C VAL B 405 18.22 25.31 20.13
N THR B 406 18.01 26.07 21.20
CA THR B 406 17.35 27.36 21.12
C THR B 406 18.10 28.38 21.99
N ASN B 407 18.45 29.51 21.38
CA ASN B 407 19.26 30.53 22.05
C ASN B 407 20.62 29.99 22.50
N GLY B 408 21.15 29.05 21.72
CA GLY B 408 22.44 28.44 22.02
C GLY B 408 22.39 27.38 23.10
N LEU B 409 21.18 27.06 23.57
CA LEU B 409 21.01 26.08 24.64
C LEU B 409 20.37 24.79 24.14
N GLY B 410 20.95 23.65 24.50
CA GLY B 410 20.42 22.35 24.13
C GLY B 410 19.34 21.87 25.09
N ILE B 411 18.22 21.43 24.52
CA ILE B 411 17.08 20.95 25.32
C ILE B 411 16.73 19.52 24.93
N ASN B 412 16.63 18.64 25.92
CA ASN B 412 16.17 17.27 25.68
C ASN B 412 14.65 17.21 25.66
N VAL B 413 14.07 17.14 24.47
CA VAL B 413 12.62 17.16 24.34
C VAL B 413 12.02 15.78 24.07
N PHE B 414 10.72 15.66 24.35
CA PHE B 414 10.01 14.39 24.23
C PHE B 414 8.51 14.62 24.43
N LYS B 415 7.72 13.64 23.98
CA LYS B 415 6.31 13.60 24.35
C LYS B 415 6.11 12.47 25.35
N ASP B 416 5.01 12.53 26.09
CA ASP B 416 4.70 11.52 27.08
C ASP B 416 3.22 11.62 27.47
N PRO B 417 2.32 11.17 26.58
CA PRO B 417 0.88 11.33 26.79
C PRO B 417 0.43 10.61 28.05
N VAL B 418 -0.39 11.29 28.85
CA VAL B 418 -0.86 10.75 30.12
C VAL B 418 -1.60 9.42 29.91
N ALA B 419 -2.35 9.33 28.81
CA ALA B 419 -3.24 8.19 28.59
C ALA B 419 -2.63 7.07 27.74
N ASP B 420 -1.35 7.18 27.44
CA ASP B 420 -0.68 6.13 26.67
C ASP B 420 0.84 6.16 26.84
N PRO B 421 1.34 5.39 27.82
CA PRO B 421 2.78 5.25 28.06
C PRO B 421 3.54 4.70 26.85
N ASN B 422 2.88 3.90 26.02
CA ASN B 422 3.52 3.34 24.82
C ASN B 422 3.94 4.40 23.81
N LYS B 423 3.32 5.57 23.87
CA LYS B 423 3.61 6.64 22.92
C LYS B 423 4.69 7.60 23.44
N ARG B 424 5.23 7.29 24.62
CA ARG B 424 6.33 8.07 25.17
C ARG B 424 7.54 8.00 24.24
N SER B 425 8.13 9.16 23.96
CA SER B 425 9.30 9.19 23.08
C SER B 425 10.62 9.35 23.85
N LYS B 426 11.74 9.17 23.16
CA LYS B 426 13.06 9.19 23.78
C LYS B 426 13.59 10.60 23.95
N LYS B 427 14.43 10.79 24.97
CA LYS B 427 14.93 12.12 25.32
C LYS B 427 16.36 12.38 24.85
N GLY B 428 16.55 13.48 24.14
CA GLY B 428 17.88 14.00 23.89
C GLY B 428 18.61 13.31 22.76
N ARG B 429 19.92 13.53 22.70
CA ARG B 429 20.73 12.96 21.63
C ARG B 429 20.89 11.46 21.81
N LEU B 430 20.66 10.70 20.74
CA LEU B 430 20.63 9.25 20.86
C LEU B 430 21.87 8.59 20.25
N SER B 431 22.17 7.40 20.74
CA SER B 431 23.21 6.56 20.15
C SER B 431 22.89 5.09 20.38
N LEU B 432 23.43 4.23 19.52
CA LEU B 432 23.15 2.80 19.60
C LEU B 432 24.41 2.02 19.94
N HIS B 433 24.33 1.12 20.92
CA HIS B 433 25.51 0.42 21.40
C HIS B 433 25.28 -1.07 21.65
N ARG B 434 26.39 -1.79 21.76
CA ARG B 434 26.37 -3.18 22.22
C ARG B 434 26.43 -3.18 23.73
N THR B 435 25.65 -4.06 24.36
CA THR B 435 25.75 -4.27 25.80
C THR B 435 26.87 -5.27 26.06
N PRO B 436 27.31 -5.41 27.32
CA PRO B 436 28.32 -6.43 27.61
C PRO B 436 27.89 -7.85 27.23
N ALA B 437 26.59 -8.13 27.21
CA ALA B 437 26.12 -9.45 26.80
C ALA B 437 25.96 -9.54 25.29
N GLY B 438 26.28 -8.44 24.60
CA GLY B 438 26.23 -8.43 23.15
C GLY B 438 24.88 -8.07 22.57
N ASN B 439 23.98 -7.57 23.40
CA ASN B 439 22.68 -7.11 22.94
C ASN B 439 22.72 -5.63 22.59
N PHE B 440 21.65 -5.14 21.98
CA PHE B 440 21.57 -3.73 21.62
C PHE B 440 21.01 -2.88 22.75
N VAL B 441 21.46 -1.63 22.82
CA VAL B 441 20.90 -0.66 23.75
C VAL B 441 20.93 0.72 23.11
N THR B 442 19.88 1.49 23.31
CA THR B 442 19.85 2.88 22.87
C THR B 442 20.14 3.78 24.05
N LEU B 443 21.18 4.60 23.93
CA LEU B 443 21.49 5.56 24.98
C LEU B 443 20.85 6.91 24.69
N GLU B 444 20.30 7.51 25.73
CA GLU B 444 19.61 8.80 25.60
C GLU B 444 20.37 9.90 26.33
N GLU B 445 19.87 11.13 26.20
CA GLU B 445 20.42 12.28 26.91
C GLU B 445 21.91 12.48 26.64
N GLY B 446 22.36 12.03 25.46
CA GLY B 446 23.74 12.15 25.05
C GLY B 446 24.70 11.27 25.83
N LYS B 447 24.16 10.38 26.65
CA LYS B 447 24.96 9.51 27.52
C LYS B 447 25.94 8.61 26.77
N GLY B 448 25.84 8.58 25.44
CA GLY B 448 26.77 7.81 24.62
C GLY B 448 28.15 8.43 24.65
N ASP B 449 28.21 9.73 24.92
CA ASP B 449 29.47 10.46 24.99
C ASP B 449 30.32 10.08 26.20
N LEU B 450 29.68 9.51 27.21
CA LEU B 450 30.41 9.04 28.39
C LEU B 450 31.30 7.85 28.08
N GLU B 451 31.11 7.26 26.90
CA GLU B 451 31.99 6.21 26.38
C GLU B 451 31.97 4.92 27.21
N GLU B 452 30.96 4.78 28.07
CA GLU B 452 30.88 3.61 28.96
C GLU B 452 30.33 2.40 28.23
N TYR B 453 29.85 2.61 27.02
CA TYR B 453 29.18 1.55 26.27
C TYR B 453 29.85 1.30 24.93
N GLY B 454 31.08 1.79 24.78
CA GLY B 454 31.77 1.65 23.52
C GLY B 454 31.33 2.68 22.51
N GLN B 455 31.49 2.37 21.23
CA GLN B 455 31.21 3.32 20.16
C GLN B 455 29.77 3.22 19.66
N ASP B 456 29.27 4.34 19.15
CA ASP B 456 27.96 4.41 18.53
C ASP B 456 27.94 3.48 17.31
N LEU B 457 26.89 2.67 17.19
CA LEU B 457 26.80 1.71 16.10
C LEU B 457 26.14 2.26 14.83
N LEU B 458 25.54 3.46 14.95
CA LEU B 458 24.96 4.14 13.79
C LEU B 458 26.08 4.69 12.89
N HIS B 459 25.84 4.71 11.59
CA HIS B 459 26.78 5.30 10.64
C HIS B 459 26.13 6.48 9.93
N THR B 460 26.89 7.54 9.71
CA THR B 460 26.42 8.64 8.85
C THR B 460 26.22 8.10 7.43
N VAL B 461 24.97 8.08 6.98
CA VAL B 461 24.66 7.56 5.65
C VAL B 461 24.34 8.67 4.67
N PHE B 462 24.06 9.86 5.20
CA PHE B 462 23.69 11.00 4.37
C PHE B 462 24.15 12.29 5.03
N LYS B 463 24.89 13.10 4.28
CA LYS B 463 25.33 14.40 4.78
C LYS B 463 25.38 15.43 3.66
N ASN B 464 24.58 16.48 3.81
CA ASN B 464 24.60 17.63 2.91
C ASN B 464 24.39 17.33 1.43
N GLY B 465 23.42 16.45 1.16
CA GLY B 465 23.05 16.15 -0.21
C GLY B 465 23.75 14.94 -0.79
N LYS B 466 24.66 14.36 -0.03
CA LYS B 466 25.42 13.22 -0.52
C LYS B 466 25.21 11.97 0.35
N VAL B 467 25.05 10.82 -0.32
CA VAL B 467 25.00 9.55 0.37
C VAL B 467 26.42 9.17 0.73
N THR B 468 26.66 8.89 2.00
CA THR B 468 28.02 8.73 2.48
C THR B 468 28.32 7.30 2.90
N LYS B 469 27.28 6.46 2.93
CA LYS B 469 27.46 5.04 3.18
C LYS B 469 26.28 4.27 2.61
N SER B 470 26.58 3.14 1.96
CA SER B 470 25.55 2.31 1.34
C SER B 470 25.95 0.84 1.39
N TYR B 471 24.98 -0.03 1.15
CA TYR B 471 25.20 -1.46 1.32
C TYR B 471 24.68 -2.22 0.11
N SER B 472 25.48 -3.19 -0.35
CA SER B 472 25.05 -4.06 -1.43
C SER B 472 23.90 -4.92 -0.94
N PHE B 473 23.08 -5.38 -1.87
CA PHE B 473 21.98 -6.27 -1.51
C PHE B 473 22.51 -7.59 -0.95
N ASP B 474 23.73 -7.94 -1.32
CA ASP B 474 24.36 -9.15 -0.81
C ASP B 474 24.71 -9.00 0.67
N GLU B 475 25.21 -7.83 1.04
CA GLU B 475 25.55 -7.56 2.45
C GLU B 475 24.32 -7.45 3.33
N ILE B 476 23.24 -6.90 2.78
CA ILE B 476 21.98 -6.79 3.49
C ILE B 476 21.41 -8.17 3.74
N ARG B 477 21.44 -9.02 2.72
CA ARG B 477 21.00 -10.40 2.85
C ARG B 477 21.82 -11.13 3.91
N LYS B 478 23.13 -10.93 3.91
CA LYS B 478 23.99 -11.52 4.93
C LYS B 478 23.58 -11.07 6.32
N ASN B 479 23.32 -9.77 6.47
CA ASN B 479 22.94 -9.23 7.77
C ASN B 479 21.60 -9.77 8.29
N ALA B 480 20.67 -10.05 7.38
CA ALA B 480 19.30 -10.42 7.76
C ALA B 480 19.09 -11.92 8.01
N GLN B 481 20.11 -12.72 7.73
CA GLN B 481 20.10 -14.17 7.94
C GLN B 481 19.55 -14.61 9.29
N LEU B 482 18.82 -15.73 9.28
CA LEU B 482 18.33 -16.34 10.51
C LEU B 482 19.48 -16.91 11.32
N ASN B 483 19.29 -17.05 12.62
CA ASN B 483 20.32 -17.61 13.49
C ASN B 483 20.60 -19.07 13.17
N ILE B 484 19.54 -19.82 12.89
CA ILE B 484 19.64 -21.23 12.53
C ILE B 484 20.42 -21.42 11.22
N GLU B 485 20.42 -20.39 10.37
CA GLU B 485 21.16 -20.43 9.11
C GLU B 485 22.66 -20.28 9.36
N LEU B 486 23.02 -19.44 10.32
CA LEU B 486 24.42 -19.14 10.61
C LEU B 486 25.20 -20.34 11.13
C1 20T C . -11.02 23.74 8.77
C2 20T C . -10.74 23.66 7.42
C3 20T C . -10.20 22.51 6.88
C4 20T C . -9.94 21.42 7.70
C5 20T C . -10.23 21.49 9.05
C6 20T C . -10.77 22.66 9.60
S7 20T C . -9.88 20.10 10.08
O8 20T C . -10.21 20.43 11.43
O9 20T C . -10.42 18.98 9.40
C10 20T C . -8.12 20.04 9.96
C11 20T C . -7.37 20.95 10.67
C12 20T C . -5.99 20.93 10.56
C13 20T C . -5.38 20.02 9.73
C14 20T C . -6.13 19.14 8.99
C15 20T C . -7.51 19.15 9.11
C16 20T C . -3.88 20.06 9.61
N17 20T C . -3.23 18.76 9.66
C18 20T C . -3.14 18.13 10.84
O19 20T C . -3.60 18.65 11.84
C20 20T C . -2.47 16.82 10.94
C21 20T C . -2.02 16.16 9.80
C22 20T C . -1.39 14.91 9.99
C23 20T C . -0.79 13.93 9.10
N24 20T C . -0.34 12.96 9.84
N25 20T C . -0.60 13.21 11.19
C26 20T C . -1.24 14.41 11.30
N27 20T C . -1.70 15.10 12.34
C28 20T C . -2.29 16.25 12.19
C29 20T C . -0.22 12.34 12.31
C31 20T C . -1.33 12.10 13.36
C33 20T C . -2.07 10.91 12.75
C35 20T C . -0.90 10.08 12.19
O37 20T C . 0.14 11.02 11.83
C38 20T C . -1.34 9.30 10.96
O39 20T C . -2.49 8.53 11.29
P40 20T C . -2.47 6.94 11.42
O41 20T C . -3.87 6.47 11.57
O42 20T C . -1.82 6.31 10.09
O43 20T C . -1.64 6.50 12.72
O44 20T C . -2.71 10.20 13.81
O45 20T C . -0.75 11.73 14.62
C46 20T C . -9.88 22.41 5.40
F47 20T C . -10.92 22.96 4.64
F48 20T C . -8.72 23.13 5.12
F49 20T C . -9.70 21.07 5.03
P1 POP D . -9.21 -14.13 -6.55
O1 POP D . -10.39 -13.29 -6.13
O2 POP D . -8.60 -14.80 -5.34
O3 POP D . -9.65 -15.17 -7.55
O POP D . -8.12 -13.15 -7.21
P2 POP D . -7.17 -13.66 -8.41
O4 POP D . -7.83 -13.30 -9.72
O5 POP D . -5.82 -13.00 -8.29
O6 POP D . -7.00 -15.17 -8.33
P PO4 E . 2.12 14.76 14.79
O1 PO4 E . 2.80 14.72 13.44
O2 PO4 E . 1.15 15.90 14.81
O3 PO4 E . 1.38 13.46 15.02
O4 PO4 E . 3.18 14.93 15.87
C1 20T F . 10.75 -24.10 -8.27
C2 20T F . 11.56 -23.00 -8.45
C3 20T F . 11.14 -21.74 -8.06
C4 20T F . 9.87 -21.59 -7.51
C5 20T F . 9.05 -22.69 -7.32
C6 20T F . 9.49 -23.95 -7.70
S7 20T F . 7.44 -22.46 -6.62
O8 20T F . 6.79 -23.74 -6.57
O9 20T F . 7.61 -21.63 -5.48
C10 20T F . 6.65 -21.51 -7.87
C11 20T F . 5.98 -22.13 -8.91
C12 20T F . 5.39 -21.35 -9.90
C13 20T F . 5.47 -19.98 -9.83
C14 20T F . 6.15 -19.37 -8.80
C15 20T F . 6.74 -20.14 -7.82
C16 20T F . 4.85 -19.13 -10.91
N17 20T F . 3.82 -18.22 -10.43
C18 20T F . 2.58 -18.66 -10.13
O19 20T F . 2.29 -19.84 -10.23
C20 20T F . 1.57 -17.69 -9.68
C21 20T F . 1.88 -16.33 -9.61
C22 20T F . 0.88 -15.46 -9.18
C23 20T F . 0.83 -14.02 -8.99
N24 20T F . -0.37 -13.73 -8.59
N25 20T F . -1.16 -14.88 -8.48
C26 20T F . -0.40 -15.96 -8.85
N27 20T F . -0.63 -17.28 -8.95
C28 20T F . 0.28 -18.12 -9.35
C29 20T F . -2.56 -14.82 -8.05
C31 20T F . -3.15 -16.16 -7.55
C33 20T F . -3.26 -16.02 -6.03
C35 20T F . -3.27 -14.50 -5.82
O37 20T F . -2.67 -13.87 -6.96
C38 20T F . -2.44 -14.18 -4.58
O39 20T F . -3.27 -14.38 -3.45
P40 20T F . -3.62 -13.15 -2.49
O41 20T F . -2.76 -13.29 -1.30
O42 20T F . -3.32 -11.77 -3.27
O43 20T F . -5.18 -13.22 -2.09
O44 20T F . -4.50 -16.57 -5.57
O45 20T F . -4.45 -16.37 -8.11
C46 20T F . 12.02 -20.52 -8.26
F47 20T F . 13.36 -20.82 -8.04
F48 20T F . 11.86 -20.05 -9.57
F49 20T F . 11.64 -19.50 -7.37
P1 POP G . 1.58 7.49 16.32
O1 POP G . 1.44 8.56 17.37
O2 POP G . 2.88 6.74 16.52
O3 POP G . 0.41 6.54 16.40
O POP G . 1.61 8.20 14.88
P2 POP G . 2.73 9.31 14.61
O4 POP G . 2.03 10.64 14.47
O5 POP G . 3.67 9.34 15.79
O6 POP G . 3.49 9.02 13.34
P PO4 H . -4.79 -17.33 -11.26
O1 PO4 H . -4.01 -16.03 -11.20
O2 PO4 H . -5.45 -17.60 -9.92
O3 PO4 H . -5.85 -17.24 -12.33
O4 PO4 H . -3.84 -18.45 -11.57
#